data_8VOU
#
_entry.id   8VOU
#
_cell.length_a   57.383
_cell.length_b   84.025
_cell.length_c   213.321
_cell.angle_alpha   90
_cell.angle_beta   90
_cell.angle_gamma   90
#
_symmetry.space_group_name_H-M   'P 21 21 21'
#
loop_
_entity.id
_entity.type
_entity.pdbx_description
1 polymer 'Glutathione S-transferase Mu 1'
2 non-polymer L-gamma-glutamyl-S-[(8R,9S)-1-carboxy-9-nitroheptadecan-8-yl]-L-cysteinylglycine
3 non-polymer GLUTATHIONE
4 water water
#
_entity_poly.entity_id   1
_entity_poly.type   'polypeptide(L)'
_entity_poly.pdbx_seq_one_letter_code
;MPMILGYWDIRGLAHAIRLLLEYTDSSYEEKKYTMGDAPDYDRSQWLNEKFKLGLDFPNLPYLIDGAHKITQSNAILCYI
ARKHNLCGETEEEKIRVDILENQTMDNHMQLGMICYNPEFEKLKPKYLEELPEKLKLYSEFLGKRPWFAGNKITFVDFLV
YDVLDLHRIFEPKCLDAFPNLKDFISRFEGLEKISAYMKSSRFLPRPVFSKMAVWGNK
;
_entity_poly.pdbx_strand_id   A,B,C,D
#
loop_
_chem_comp.id
_chem_comp.type
_chem_comp.name
_chem_comp.formula
A1AWW non-polymer L-gamma-glutamyl-S-[(8R,9S)-1-carboxy-9-nitroheptadecan-8-yl]-L-cysteinylglycine 'C28 H50 N4 O10 S'
GSH non-polymer GLUTATHIONE 'C10 H17 N3 O6 S'
#
# COMPACT_ATOMS: atom_id res chain seq x y z
N PRO A 2 -4.83 -4.60 17.50
CA PRO A 2 -3.42 -4.98 17.64
C PRO A 2 -2.49 -4.32 16.63
N MET A 3 -1.35 -3.81 17.09
CA MET A 3 -0.35 -3.24 16.21
C MET A 3 0.40 -4.37 15.52
N ILE A 4 0.92 -4.13 14.33
CA ILE A 4 1.71 -5.15 13.64
C ILE A 4 3.14 -4.72 13.57
N LEU A 5 4.04 -5.52 14.11
CA LEU A 5 5.46 -5.25 14.03
C LEU A 5 6.03 -6.16 12.97
N GLY A 6 6.47 -5.60 11.87
CA GLY A 6 7.07 -6.38 10.79
C GLY A 6 8.57 -6.22 10.77
N TYR A 7 9.29 -7.34 10.72
CA TYR A 7 10.74 -7.38 10.69
C TYR A 7 11.18 -8.79 10.35
N TRP A 8 12.48 -8.99 10.06
CA TRP A 8 13.06 -10.31 9.83
C TRP A 8 12.91 -11.21 11.09
N ASP A 9 13.13 -12.53 10.92
CA ASP A 9 13.02 -13.47 12.04
CA ASP A 9 13.03 -13.47 12.04
C ASP A 9 14.31 -13.46 12.91
N ILE A 10 15.00 -12.31 12.97
CA ILE A 10 16.22 -12.11 13.75
C ILE A 10 15.95 -11.07 14.88
N ARG A 11 16.94 -10.87 15.76
CA ARG A 11 16.87 -9.87 16.83
C ARG A 11 17.04 -8.47 16.15
N GLY A 12 18.22 -8.18 15.61
CA GLY A 12 18.51 -6.94 14.89
C GLY A 12 17.99 -5.66 15.48
N LEU A 13 17.42 -4.80 14.62
CA LEU A 13 16.88 -3.50 15.03
C LEU A 13 15.54 -3.55 15.72
N ALA A 14 14.89 -4.72 15.78
CA ALA A 14 13.59 -4.82 16.41
C ALA A 14 13.63 -5.17 17.89
N HIS A 15 14.81 -5.52 18.43
CA HIS A 15 14.91 -5.96 19.82
C HIS A 15 14.34 -4.97 20.82
N ALA A 16 14.71 -3.70 20.71
CA ALA A 16 14.23 -2.68 21.64
C ALA A 16 12.76 -2.38 21.43
N ILE A 17 12.26 -2.48 20.18
CA ILE A 17 10.83 -2.27 19.89
C ILE A 17 10.01 -3.36 20.56
N ARG A 18 10.46 -4.62 20.43
CA ARG A 18 9.79 -5.75 21.06
C ARG A 18 9.74 -5.59 22.58
N LEU A 19 10.86 -5.20 23.20
CA LEU A 19 10.96 -4.99 24.64
C LEU A 19 10.07 -3.84 25.08
N LEU A 20 10.04 -2.75 24.31
CA LEU A 20 9.22 -1.59 24.66
C LEU A 20 7.74 -1.93 24.56
N LEU A 21 7.36 -2.76 23.58
CA LEU A 21 5.97 -3.18 23.44
C LEU A 21 5.56 -4.03 24.61
N GLU A 22 6.43 -4.97 25.03
CA GLU A 22 6.16 -5.83 26.17
C GLU A 22 6.04 -5.03 27.47
N TYR A 23 6.97 -4.11 27.71
CA TYR A 23 6.95 -3.27 28.90
C TYR A 23 5.72 -2.37 28.99
N THR A 24 5.27 -1.84 27.85
CA THR A 24 4.09 -0.99 27.80
C THR A 24 2.77 -1.75 27.78
N ASP A 25 2.81 -3.11 27.78
CA ASP A 25 1.63 -3.97 27.71
C ASP A 25 0.82 -3.68 26.44
N SER A 26 1.52 -3.40 25.34
CA SER A 26 0.91 -3.07 24.08
C SER A 26 0.42 -4.32 23.40
N SER A 27 -0.79 -4.25 22.85
CA SER A 27 -1.36 -5.39 22.14
C SER A 27 -0.76 -5.41 20.75
N TYR A 28 0.03 -6.45 20.43
CA TYR A 28 0.67 -6.51 19.14
C TYR A 28 0.81 -7.90 18.59
N GLU A 29 1.00 -7.99 17.28
CA GLU A 29 1.27 -9.20 16.53
C GLU A 29 2.57 -8.97 15.75
N GLU A 30 3.33 -10.01 15.50
CA GLU A 30 4.55 -9.89 14.73
C GLU A 30 4.42 -10.57 13.39
N LYS A 31 4.87 -9.88 12.34
CA LYS A 31 4.91 -10.44 11.00
C LYS A 31 6.38 -10.67 10.76
N LYS A 32 6.82 -11.92 10.75
CA LYS A 32 8.23 -12.22 10.58
C LYS A 32 8.53 -12.63 9.16
N TYR A 33 9.59 -12.07 8.59
CA TYR A 33 10.03 -12.37 7.23
C TYR A 33 11.28 -13.22 7.33
N THR A 34 11.32 -14.34 6.64
CA THR A 34 12.48 -15.21 6.66
C THR A 34 13.37 -14.89 5.48
N MET A 35 14.65 -14.70 5.75
CA MET A 35 15.62 -14.46 4.70
C MET A 35 16.18 -15.82 4.26
N GLY A 36 16.47 -15.95 2.97
CA GLY A 36 17.02 -17.19 2.44
C GLY A 36 18.48 -17.37 2.80
N ASP A 37 18.96 -18.60 2.67
CA ASP A 37 20.35 -18.91 2.96
C ASP A 37 21.27 -18.50 1.80
N ALA A 38 22.57 -18.64 2.00
CA ALA A 38 23.59 -18.28 1.02
C ALA A 38 23.51 -19.14 -0.25
N PRO A 39 23.98 -18.62 -1.40
CA PRO A 39 24.58 -17.30 -1.63
C PRO A 39 23.61 -16.18 -2.03
N ASP A 40 22.37 -16.55 -2.35
CA ASP A 40 21.35 -15.64 -2.82
C ASP A 40 20.83 -14.73 -1.74
N TYR A 41 20.55 -15.29 -0.54
CA TYR A 41 19.95 -14.58 0.61
C TYR A 41 18.62 -13.99 0.14
N ASP A 42 17.70 -14.88 -0.21
CA ASP A 42 16.40 -14.54 -0.75
C ASP A 42 15.55 -13.68 0.15
N ARG A 43 15.36 -12.42 -0.25
CA ARG A 43 14.51 -11.49 0.48
C ARG A 43 13.14 -11.31 -0.20
N SER A 44 12.74 -12.27 -1.07
CA SER A 44 11.50 -12.25 -1.83
C SER A 44 10.28 -12.20 -0.95
N GLN A 45 10.32 -12.80 0.24
CA GLN A 45 9.20 -12.75 1.17
C GLN A 45 8.85 -11.29 1.56
N TRP A 46 9.87 -10.45 1.70
CA TRP A 46 9.70 -9.04 2.00
C TRP A 46 9.49 -8.24 0.72
N LEU A 47 10.38 -8.43 -0.29
CA LEU A 47 10.35 -7.71 -1.57
C LEU A 47 9.05 -7.83 -2.34
N ASN A 48 8.28 -8.90 -2.11
CA ASN A 48 7.00 -9.05 -2.79
C ASN A 48 5.96 -8.10 -2.19
N GLU A 49 5.85 -8.03 -0.85
CA GLU A 49 4.89 -7.12 -0.24
C GLU A 49 5.49 -5.80 0.26
N LYS A 50 6.74 -5.46 -0.18
CA LYS A 50 7.43 -4.25 0.25
C LYS A 50 6.67 -2.99 -0.16
N PHE A 51 6.08 -3.01 -1.37
CA PHE A 51 5.35 -1.86 -1.86
C PHE A 51 3.82 -1.98 -1.76
N LYS A 52 3.33 -3.02 -1.07
CA LYS A 52 1.90 -3.28 -0.91
C LYS A 52 1.37 -3.03 0.48
N LEU A 53 2.14 -2.35 1.34
CA LEU A 53 1.71 -2.12 2.72
C LEU A 53 1.26 -0.69 3.01
N GLY A 54 1.49 0.23 2.09
CA GLY A 54 1.12 1.63 2.32
C GLY A 54 2.15 2.41 3.13
N LEU A 55 3.39 1.87 3.25
CA LEU A 55 4.46 2.53 3.98
C LEU A 55 5.03 3.61 3.09
N ASP A 56 5.28 4.79 3.65
CA ASP A 56 5.79 5.92 2.88
C ASP A 56 7.21 5.69 2.41
N PHE A 57 8.04 5.10 3.29
CA PHE A 57 9.42 4.76 2.99
C PHE A 57 9.54 3.33 3.41
N PRO A 58 9.19 2.38 2.52
CA PRO A 58 9.20 0.96 2.92
C PRO A 58 10.55 0.46 3.47
N ASN A 59 10.50 -0.15 4.67
CA ASN A 59 11.67 -0.65 5.37
C ASN A 59 11.29 -1.62 6.50
N LEU A 60 12.28 -2.40 6.97
CA LEU A 60 12.14 -3.30 8.11
C LEU A 60 13.07 -2.76 9.20
N PRO A 61 12.59 -2.48 10.43
CA PRO A 61 11.24 -2.76 10.92
C PRO A 61 10.18 -1.75 10.55
N TYR A 62 8.93 -2.20 10.58
CA TYR A 62 7.77 -1.35 10.39
C TYR A 62 6.75 -1.62 11.47
N LEU A 63 5.95 -0.62 11.78
CA LEU A 63 4.88 -0.77 12.75
C LEU A 63 3.62 -0.28 12.11
N ILE A 64 2.58 -1.10 12.10
CA ILE A 64 1.27 -0.66 11.61
C ILE A 64 0.36 -0.54 12.82
N ASP A 65 -0.10 0.66 13.15
CA ASP A 65 -1.03 0.85 14.26
C ASP A 65 -2.23 1.64 13.75
N GLY A 66 -3.18 0.92 13.15
CA GLY A 66 -4.39 1.49 12.58
C GLY A 66 -4.08 2.29 11.33
N ALA A 67 -4.36 3.59 11.38
CA ALA A 67 -4.08 4.49 10.29
C ALA A 67 -2.58 4.81 10.16
N HIS A 68 -1.82 4.68 11.27
CA HIS A 68 -0.40 5.00 11.30
C HIS A 68 0.47 3.87 10.85
N LYS A 69 1.25 4.10 9.80
CA LYS A 69 2.19 3.11 9.30
C LYS A 69 3.58 3.76 9.43
N ILE A 70 4.38 3.31 10.40
CA ILE A 70 5.68 3.89 10.72
C ILE A 70 6.83 3.01 10.33
N THR A 71 7.88 3.58 9.77
CA THR A 71 9.13 2.90 9.48
C THR A 71 10.25 3.66 10.22
N GLN A 72 11.48 3.10 10.25
CA GLN A 72 12.62 3.64 10.98
C GLN A 72 12.45 3.27 12.42
N SER A 73 13.28 2.37 12.91
CA SER A 73 13.23 1.86 14.28
C SER A 73 13.09 2.93 15.36
N ASN A 74 13.85 4.04 15.25
CA ASN A 74 13.77 5.13 16.24
C ASN A 74 12.41 5.84 16.19
N ALA A 75 11.83 5.94 14.99
CA ALA A 75 10.52 6.55 14.83
C ALA A 75 9.45 5.63 15.44
N ILE A 76 9.58 4.30 15.26
CA ILE A 76 8.65 3.36 15.88
C ILE A 76 8.73 3.45 17.43
N LEU A 77 9.97 3.52 17.97
CA LEU A 77 10.16 3.64 19.40
C LEU A 77 9.55 4.91 19.94
N CYS A 78 9.75 6.03 19.23
CA CYS A 78 9.21 7.33 19.66
C CYS A 78 7.71 7.32 19.65
N TYR A 79 7.09 6.68 18.66
CA TYR A 79 5.66 6.58 18.55
C TYR A 79 5.09 5.86 19.76
N ILE A 80 5.64 4.68 20.08
CA ILE A 80 5.16 3.90 21.23
C ILE A 80 5.43 4.64 22.54
N ALA A 81 6.62 5.21 22.69
CA ALA A 81 6.96 5.95 23.89
C ALA A 81 6.04 7.16 24.11
N ARG A 82 5.59 7.82 23.03
CA ARG A 82 4.68 8.97 23.17
C ARG A 82 3.35 8.56 23.79
N LYS A 83 2.85 7.36 23.44
CA LYS A 83 1.60 6.84 23.98
C LYS A 83 1.68 6.59 25.48
N HIS A 84 2.86 6.19 26.00
CA HIS A 84 2.97 5.85 27.41
C HIS A 84 3.89 6.76 28.20
N ASN A 85 4.03 8.02 27.76
CA ASN A 85 4.86 9.06 28.39
C ASN A 85 6.29 8.61 28.76
N LEU A 86 6.98 7.95 27.81
CA LEU A 86 8.33 7.48 28.01
C LEU A 86 9.34 8.28 27.16
N CYS A 87 9.08 9.57 26.97
CA CYS A 87 9.92 10.42 26.14
C CYS A 87 10.73 11.47 26.91
N GLY A 88 10.50 11.59 28.21
CA GLY A 88 11.18 12.60 29.00
C GLY A 88 10.31 13.81 29.14
N GLU A 89 10.30 14.39 30.34
CA GLU A 89 9.48 15.53 30.63
C GLU A 89 10.27 16.83 30.65
N THR A 90 11.34 16.91 31.47
CA THR A 90 12.11 18.17 31.52
C THR A 90 12.96 18.32 30.25
N GLU A 91 13.46 19.55 29.99
CA GLU A 91 14.32 19.79 28.83
C GLU A 91 15.62 19.01 28.98
N GLU A 92 16.17 18.90 30.21
CA GLU A 92 17.38 18.13 30.46
C GLU A 92 17.17 16.65 30.10
N GLU A 93 16.01 16.09 30.46
CA GLU A 93 15.69 14.70 30.15
C GLU A 93 15.54 14.49 28.64
N LYS A 94 14.91 15.43 27.94
CA LYS A 94 14.73 15.35 26.50
C LYS A 94 16.08 15.39 25.80
N ILE A 95 17.00 16.26 26.27
CA ILE A 95 18.34 16.37 25.68
C ILE A 95 19.07 15.03 25.83
N ARG A 96 18.95 14.42 27.00
CA ARG A 96 19.56 13.13 27.26
C ARG A 96 18.99 12.07 26.37
N VAL A 97 17.67 12.06 26.19
CA VAL A 97 16.99 11.10 25.33
C VAL A 97 17.43 11.26 23.88
N ASP A 98 17.47 12.50 23.40
CA ASP A 98 17.85 12.79 22.03
C ASP A 98 19.28 12.38 21.76
N ILE A 99 20.20 12.72 22.66
CA ILE A 99 21.60 12.32 22.49
C ILE A 99 21.74 10.81 22.41
N LEU A 100 21.09 10.11 23.33
CA LEU A 100 21.16 8.66 23.43
C LEU A 100 20.52 7.93 22.31
N GLU A 101 19.41 8.41 21.81
CA GLU A 101 18.70 7.78 20.68
C GLU A 101 19.61 7.67 19.45
N ASN A 102 20.41 8.73 19.23
CA ASN A 102 21.34 8.83 18.12
C ASN A 102 22.67 8.16 18.44
N GLN A 103 23.15 8.31 19.67
CA GLN A 103 24.40 7.72 20.09
C GLN A 103 24.33 6.20 20.03
N THR A 104 23.25 5.61 20.53
CA THR A 104 23.08 4.15 20.48
C THR A 104 22.97 3.64 19.06
N MET A 105 22.37 4.42 18.16
CA MET A 105 22.29 4.07 16.74
C MET A 105 23.70 4.02 16.16
N ASP A 106 24.56 4.98 16.50
CA ASP A 106 25.94 5.00 16.04
C ASP A 106 26.71 3.80 16.55
N ASN A 107 26.52 3.41 17.84
CA ASN A 107 27.25 2.25 18.36
C ASN A 107 26.78 0.96 17.72
N HIS A 108 25.48 0.87 17.44
CA HIS A 108 24.92 -0.31 16.80
C HIS A 108 25.45 -0.43 15.37
N MET A 109 25.57 0.70 14.65
CA MET A 109 26.08 0.74 13.30
C MET A 109 27.54 0.32 13.24
N GLN A 110 28.36 0.77 14.21
CA GLN A 110 29.79 0.43 14.27
C GLN A 110 29.97 -1.07 14.46
N LEU A 111 29.26 -1.69 15.39
CA LEU A 111 29.35 -3.13 15.59
C LEU A 111 28.85 -3.87 14.33
N GLY A 112 27.77 -3.39 13.75
CA GLY A 112 27.20 -3.99 12.57
C GLY A 112 28.11 -3.89 11.36
N MET A 113 28.88 -2.81 11.22
CA MET A 113 29.81 -2.66 10.10
C MET A 113 30.96 -3.64 10.14
N ILE A 114 31.54 -3.87 11.33
CA ILE A 114 32.64 -4.84 11.44
C ILE A 114 32.10 -6.28 11.32
N CYS A 115 30.86 -6.54 11.80
CA CYS A 115 30.23 -7.86 11.73
C CYS A 115 29.73 -8.23 10.35
N TYR A 116 29.48 -7.25 9.47
CA TYR A 116 29.06 -7.53 8.10
C TYR A 116 30.21 -7.50 7.08
N ASN A 117 31.40 -7.05 7.52
CA ASN A 117 32.61 -6.97 6.72
C ASN A 117 33.24 -8.36 6.67
N PRO A 118 33.73 -8.78 5.49
CA PRO A 118 34.37 -10.12 5.39
C PRO A 118 35.70 -10.25 6.15
N GLU A 119 36.37 -9.10 6.36
CA GLU A 119 37.63 -9.06 7.13
C GLU A 119 37.30 -8.79 8.61
N PHE A 120 36.25 -9.45 9.13
CA PHE A 120 35.79 -9.31 10.51
C PHE A 120 36.88 -9.71 11.49
N GLU A 121 37.67 -10.74 11.15
CA GLU A 121 38.75 -11.20 12.02
C GLU A 121 39.90 -10.19 12.14
N LYS A 122 40.16 -9.40 11.08
CA LYS A 122 41.21 -8.39 11.12
C LYS A 122 40.76 -7.11 11.87
N LEU A 123 39.46 -6.77 11.76
CA LEU A 123 38.88 -5.57 12.36
C LEU A 123 38.55 -5.75 13.84
N LYS A 124 38.14 -6.96 14.23
CA LYS A 124 37.72 -7.32 15.59
C LYS A 124 38.69 -6.88 16.71
N PRO A 125 40.02 -7.11 16.61
CA PRO A 125 40.90 -6.68 17.71
C PRO A 125 40.94 -5.16 17.86
N LYS A 126 40.92 -4.45 16.74
CA LYS A 126 40.93 -2.99 16.78
C LYS A 126 39.66 -2.46 17.44
N TYR A 127 38.51 -3.06 17.11
CA TYR A 127 37.23 -2.67 17.67
C TYR A 127 37.20 -2.97 19.19
N LEU A 128 37.82 -4.08 19.60
CA LEU A 128 37.90 -4.47 20.99
C LEU A 128 38.78 -3.53 21.82
N GLU A 129 39.77 -2.87 21.21
CA GLU A 129 40.62 -1.92 21.92
C GLU A 129 39.86 -0.62 22.21
N GLU A 130 38.96 -0.22 21.31
CA GLU A 130 38.17 0.99 21.50
C GLU A 130 36.94 0.77 22.39
N LEU A 131 36.45 -0.48 22.47
CA LEU A 131 35.27 -0.82 23.25
C LEU A 131 35.29 -0.31 24.70
N PRO A 132 36.40 -0.45 25.45
CA PRO A 132 36.38 0.07 26.83
C PRO A 132 36.13 1.57 26.89
N GLU A 133 36.71 2.32 25.95
CA GLU A 133 36.52 3.77 25.91
C GLU A 133 35.06 4.11 25.66
N LYS A 134 34.40 3.42 24.71
CA LYS A 134 33.00 3.65 24.40
C LYS A 134 32.12 3.36 25.61
N LEU A 135 32.31 2.20 26.25
CA LEU A 135 31.55 1.79 27.42
C LEU A 135 31.74 2.71 28.60
N LYS A 136 32.95 3.27 28.74
CA LYS A 136 33.24 4.22 29.81
C LYS A 136 32.37 5.45 29.71
N LEU A 137 32.11 5.94 28.48
CA LEU A 137 31.24 7.09 28.27
C LEU A 137 29.81 6.80 28.73
N TYR A 138 29.31 5.60 28.48
CA TYR A 138 27.97 5.22 28.92
C TYR A 138 27.92 5.13 30.45
N SER A 139 28.99 4.55 31.05
CA SER A 139 29.11 4.41 32.50
C SER A 139 29.18 5.76 33.19
N GLU A 140 29.87 6.71 32.59
CA GLU A 140 30.00 8.04 33.14
C GLU A 140 28.74 8.87 32.95
N PHE A 141 28.05 8.69 31.82
CA PHE A 141 26.82 9.41 31.54
C PHE A 141 25.70 8.93 32.50
N LEU A 142 25.68 7.62 32.81
CA LEU A 142 24.68 7.06 33.70
C LEU A 142 24.90 7.52 35.13
N GLY A 143 26.14 7.43 35.61
CA GLY A 143 26.50 7.82 36.97
C GLY A 143 25.71 7.08 38.02
N LYS A 144 25.18 7.84 38.99
CA LYS A 144 24.36 7.30 40.07
C LYS A 144 22.85 7.26 39.72
N ARG A 145 22.47 7.58 38.48
CA ARG A 145 21.07 7.57 38.09
C ARG A 145 20.56 6.15 37.94
N PRO A 146 19.28 5.91 38.25
CA PRO A 146 18.73 4.58 38.04
C PRO A 146 18.55 4.27 36.54
N TRP A 147 18.17 5.30 35.76
CA TRP A 147 17.94 5.22 34.33
C TRP A 147 18.77 6.27 33.57
N PHE A 148 18.91 6.12 32.26
CA PHE A 148 19.75 6.99 31.47
C PHE A 148 19.29 8.43 31.30
N ALA A 149 17.98 8.70 31.34
CA ALA A 149 17.49 10.08 31.20
C ALA A 149 17.32 10.82 32.53
N GLY A 150 17.24 10.07 33.61
CA GLY A 150 17.07 10.63 34.95
C GLY A 150 16.56 9.55 35.88
N ASN A 151 15.53 9.88 36.65
CA ASN A 151 14.95 8.91 37.58
C ASN A 151 13.85 8.05 36.98
N LYS A 152 13.25 8.52 35.89
CA LYS A 152 12.19 7.78 35.23
C LYS A 152 12.75 7.01 34.05
N ILE A 153 12.16 5.85 33.76
CA ILE A 153 12.59 5.06 32.61
C ILE A 153 11.99 5.67 31.35
N THR A 154 12.80 5.77 30.30
CA THR A 154 12.40 6.27 28.98
C THR A 154 12.73 5.18 27.94
N PHE A 155 12.30 5.37 26.69
CA PHE A 155 12.57 4.39 25.65
C PHE A 155 14.07 4.24 25.37
N VAL A 156 14.89 5.27 25.69
CA VAL A 156 16.31 5.16 25.44
C VAL A 156 16.97 4.14 26.35
N ASP A 157 16.35 3.78 27.48
CA ASP A 157 16.88 2.72 28.33
C ASP A 157 16.83 1.38 27.61
N PHE A 158 15.82 1.16 26.76
CA PHE A 158 15.67 -0.03 25.93
C PHE A 158 16.74 -0.08 24.84
N LEU A 159 17.11 1.08 24.31
CA LEU A 159 18.14 1.21 23.27
C LEU A 159 19.50 0.95 23.89
N VAL A 160 19.79 1.60 25.04
CA VAL A 160 21.07 1.44 25.73
C VAL A 160 21.25 0.00 26.15
N TYR A 161 20.19 -0.62 26.69
CA TYR A 161 20.24 -2.02 27.09
C TYR A 161 20.60 -2.91 25.91
N ASP A 162 20.01 -2.65 24.73
CA ASP A 162 20.29 -3.45 23.56
C ASP A 162 21.75 -3.34 23.16
N VAL A 163 22.34 -2.15 23.28
CA VAL A 163 23.73 -1.93 22.93
C VAL A 163 24.66 -2.66 23.90
N LEU A 164 24.38 -2.53 25.19
CA LEU A 164 25.19 -3.19 26.22
C LEU A 164 25.11 -4.69 26.12
N ASP A 165 23.91 -5.23 25.91
CA ASP A 165 23.69 -6.65 25.80
C ASP A 165 24.45 -7.24 24.60
N LEU A 166 24.47 -6.52 23.47
CA LEU A 166 25.15 -6.99 22.26
C LEU A 166 26.63 -7.06 22.50
N HIS A 167 27.19 -6.05 23.21
CA HIS A 167 28.61 -6.02 23.46
C HIS A 167 29.02 -7.08 24.46
N ARG A 168 28.13 -7.46 25.39
CA ARG A 168 28.43 -8.56 26.29
C ARG A 168 28.25 -9.92 25.59
N ILE A 169 27.45 -9.99 24.51
CA ILE A 169 27.33 -11.22 23.72
C ILE A 169 28.61 -11.41 22.88
N PHE A 170 29.17 -10.30 22.38
CA PHE A 170 30.37 -10.22 21.58
C PHE A 170 31.68 -10.44 22.34
N GLU A 171 31.80 -9.85 23.54
CA GLU A 171 32.99 -9.91 24.41
C GLU A 171 32.46 -9.84 25.86
N PRO A 172 32.17 -11.01 26.46
CA PRO A 172 31.46 -11.06 27.75
C PRO A 172 32.07 -10.34 28.97
N LYS A 173 33.38 -10.17 28.97
CA LYS A 173 34.06 -9.52 30.08
C LYS A 173 34.07 -7.98 30.00
N CYS A 174 33.52 -7.39 28.93
CA CYS A 174 33.56 -5.94 28.69
C CYS A 174 32.82 -5.08 29.71
N LEU A 175 31.80 -5.61 30.36
CA LEU A 175 31.04 -4.83 31.34
C LEU A 175 31.55 -4.96 32.76
N ASP A 176 32.46 -5.92 33.02
CA ASP A 176 33.03 -6.20 34.34
C ASP A 176 33.74 -4.98 34.96
N ALA A 177 34.34 -4.12 34.13
CA ALA A 177 35.00 -2.91 34.63
C ALA A 177 34.01 -1.79 35.00
N PHE A 178 32.72 -1.90 34.59
CA PHE A 178 31.68 -0.89 34.80
C PHE A 178 30.54 -1.45 35.65
N PRO A 179 30.68 -1.33 36.98
CA PRO A 179 29.68 -1.89 37.90
C PRO A 179 28.29 -1.31 37.74
N ASN A 180 28.19 0.00 37.45
CA ASN A 180 26.89 0.62 37.26
C ASN A 180 26.22 0.17 35.97
N LEU A 181 27.01 -0.17 34.94
CA LEU A 181 26.44 -0.70 33.70
C LEU A 181 25.86 -2.09 33.94
N LYS A 182 26.56 -2.91 34.75
CA LYS A 182 26.08 -4.26 35.12
C LYS A 182 24.80 -4.14 35.95
N ASP A 183 24.75 -3.16 36.86
CA ASP A 183 23.59 -2.90 37.71
C ASP A 183 22.41 -2.45 36.88
N PHE A 184 22.65 -1.61 35.86
CA PHE A 184 21.61 -1.14 34.95
C PHE A 184 20.99 -2.34 34.23
N ILE A 185 21.82 -3.27 33.73
CA ILE A 185 21.32 -4.45 33.06
C ILE A 185 20.44 -5.29 33.98
N SER A 186 20.86 -5.44 35.22
CA SER A 186 20.15 -6.19 36.24
C SER A 186 18.80 -5.55 36.55
N ARG A 187 18.78 -4.23 36.70
CA ARG A 187 17.59 -3.44 37.01
C ARG A 187 16.61 -3.49 35.84
N PHE A 188 17.12 -3.36 34.60
CA PHE A 188 16.28 -3.41 33.41
C PHE A 188 15.69 -4.82 33.25
N GLU A 189 16.53 -5.86 33.39
CA GLU A 189 16.04 -7.24 33.26
C GLU A 189 15.12 -7.71 34.40
N GLY A 190 15.18 -7.01 35.54
CA GLY A 190 14.38 -7.28 36.72
C GLY A 190 12.99 -6.67 36.69
N LEU A 191 12.69 -5.83 35.67
CA LEU A 191 11.35 -5.25 35.49
C LEU A 191 10.38 -6.40 35.26
N GLU A 192 9.22 -6.38 35.90
CA GLU A 192 8.29 -7.49 35.85
C GLU A 192 7.91 -7.95 34.44
N LYS A 193 7.57 -7.00 33.55
CA LYS A 193 7.16 -7.36 32.18
C LYS A 193 8.35 -7.84 31.37
N ILE A 194 9.52 -7.19 31.56
CA ILE A 194 10.74 -7.55 30.86
C ILE A 194 11.16 -8.95 31.24
N SER A 195 11.10 -9.27 32.54
CA SER A 195 11.48 -10.58 33.07
C SER A 195 10.54 -11.66 32.53
N ALA A 196 9.22 -11.37 32.52
CA ALA A 196 8.22 -12.30 32.00
C ALA A 196 8.44 -12.59 30.51
N TYR A 197 8.71 -11.54 29.71
CA TYR A 197 8.93 -11.68 28.27
C TYR A 197 10.19 -12.51 27.96
N MET A 198 11.25 -12.38 28.77
CA MET A 198 12.49 -13.13 28.55
C MET A 198 12.36 -14.61 28.87
N LYS A 199 11.38 -14.98 29.71
CA LYS A 199 11.08 -16.38 30.04
C LYS A 199 10.10 -17.01 29.03
N SER A 200 9.30 -16.18 28.33
CA SER A 200 8.33 -16.61 27.34
C SER A 200 8.97 -17.13 26.03
N SER A 201 8.16 -17.73 25.17
CA SER A 201 8.55 -18.27 23.86
C SER A 201 8.75 -17.16 22.81
N ARG A 202 8.09 -15.99 23.01
CA ARG A 202 8.18 -14.84 22.11
C ARG A 202 9.59 -14.24 22.05
N PHE A 203 10.37 -14.40 23.12
CA PHE A 203 11.73 -13.87 23.24
C PHE A 203 12.64 -14.35 22.11
N LEU A 204 13.25 -13.42 21.41
CA LEU A 204 14.13 -13.74 20.29
C LEU A 204 15.46 -12.98 20.43
N PRO A 205 16.36 -13.49 21.30
CA PRO A 205 17.64 -12.79 21.49
C PRO A 205 18.70 -13.08 20.42
N ARG A 206 18.49 -14.12 19.62
CA ARG A 206 19.40 -14.52 18.56
C ARG A 206 18.60 -14.99 17.33
N PRO A 207 19.14 -14.89 16.09
CA PRO A 207 20.46 -14.32 15.73
C PRO A 207 20.51 -12.82 15.94
N VAL A 208 21.70 -12.32 16.21
CA VAL A 208 21.91 -10.90 16.46
C VAL A 208 21.70 -10.09 15.17
N PHE A 209 22.28 -10.55 14.06
CA PHE A 209 22.17 -9.90 12.77
C PHE A 209 21.51 -10.84 11.73
N SER A 210 21.45 -10.41 10.45
CA SER A 210 20.85 -11.23 9.39
C SER A 210 21.85 -12.30 8.90
N LYS A 211 21.38 -13.22 8.02
CA LYS A 211 22.19 -14.31 7.47
C LYS A 211 23.43 -13.86 6.70
N MET A 212 23.43 -12.61 6.18
CA MET A 212 24.55 -12.03 5.43
C MET A 212 25.74 -11.59 6.30
N ALA A 213 25.57 -11.58 7.64
CA ALA A 213 26.63 -11.14 8.55
C ALA A 213 27.65 -12.23 8.79
N VAL A 214 28.92 -11.85 8.94
CA VAL A 214 30.04 -12.75 9.26
C VAL A 214 29.93 -13.18 10.73
N TRP A 215 29.56 -12.26 11.63
CA TRP A 215 29.35 -12.57 13.03
C TRP A 215 27.88 -12.32 13.38
N GLY A 216 27.30 -13.20 14.18
CA GLY A 216 25.93 -13.05 14.63
C GLY A 216 24.85 -13.46 13.65
N ASN A 217 25.22 -14.20 12.60
CA ASN A 217 24.23 -14.66 11.61
C ASN A 217 23.38 -15.84 12.12
N LYS A 218 23.88 -16.56 13.14
CA LYS A 218 23.21 -17.70 13.76
C LYS A 218 23.02 -17.46 15.27
N PRO B 2 25.57 33.72 23.52
CA PRO B 2 25.73 33.02 22.23
C PRO B 2 26.02 31.52 22.34
N MET B 3 25.31 30.72 21.54
CA MET B 3 25.57 29.28 21.50
C MET B 3 26.85 29.05 20.70
N ILE B 4 27.57 27.96 20.99
CA ILE B 4 28.76 27.64 20.23
C ILE B 4 28.52 26.42 19.40
N LEU B 5 28.67 26.54 18.08
CA LEU B 5 28.54 25.40 17.20
C LEU B 5 29.96 24.98 16.81
N GLY B 6 30.38 23.82 17.26
CA GLY B 6 31.71 23.31 16.94
C GLY B 6 31.61 22.21 15.91
N TYR B 7 32.41 22.32 14.86
CA TYR B 7 32.46 21.34 13.77
C TYR B 7 33.67 21.68 12.89
N TRP B 8 34.02 20.78 11.96
CA TRP B 8 35.06 20.97 10.97
C TRP B 8 34.74 22.17 10.04
N ASP B 9 35.77 22.69 9.35
N ASP B 9 35.76 22.70 9.36
CA ASP B 9 35.58 23.82 8.42
CA ASP B 9 35.56 23.82 8.42
C ASP B 9 35.02 23.30 7.08
C ASP B 9 34.96 23.34 7.09
N ILE B 10 34.09 22.34 7.14
CA ILE B 10 33.42 21.77 5.97
C ILE B 10 31.88 21.95 6.16
N ARG B 11 31.10 21.60 5.13
CA ARG B 11 29.65 21.63 5.18
C ARG B 11 29.19 20.44 6.07
N GLY B 12 29.40 19.20 5.59
CA GLY B 12 29.10 17.97 6.32
C GLY B 12 27.79 17.93 7.08
N LEU B 13 27.84 17.41 8.31
CA LEU B 13 26.66 17.27 9.16
C LEU B 13 26.18 18.54 9.82
N ALA B 14 26.92 19.65 9.68
CA ALA B 14 26.53 20.90 10.32
C ALA B 14 25.69 21.79 9.42
N HIS B 15 25.52 21.45 8.14
CA HIS B 15 24.80 22.30 7.20
C HIS B 15 23.39 22.66 7.64
N ALA B 16 22.60 21.65 8.04
CA ALA B 16 21.24 21.88 8.47
C ALA B 16 21.19 22.62 9.81
N ILE B 17 22.18 22.40 10.70
CA ILE B 17 22.24 23.09 11.99
C ILE B 17 22.48 24.55 11.75
N ARG B 18 23.42 24.88 10.85
CA ARG B 18 23.73 26.27 10.50
C ARG B 18 22.52 26.97 9.92
N LEU B 19 21.80 26.32 8.99
CA LEU B 19 20.60 26.86 8.37
C LEU B 19 19.49 27.04 9.38
N LEU B 20 19.31 26.08 10.29
CA LEU B 20 18.26 26.18 11.31
C LEU B 20 18.56 27.31 12.30
N LEU B 21 19.84 27.53 12.62
CA LEU B 21 20.25 28.61 13.50
C LEU B 21 19.96 29.94 12.84
N GLU B 22 20.31 30.07 11.55
CA GLU B 22 20.05 31.29 10.81
C GLU B 22 18.55 31.59 10.70
N TYR B 23 17.74 30.60 10.34
CA TYR B 23 16.29 30.75 10.22
C TYR B 23 15.63 31.13 11.53
N THR B 24 16.10 30.59 12.64
CA THR B 24 15.55 30.89 13.96
C THR B 24 16.11 32.20 14.58
N ASP B 25 17.02 32.89 13.87
CA ASP B 25 17.68 34.11 14.34
C ASP B 25 18.43 33.87 15.67
N SER B 26 19.04 32.69 15.79
CA SER B 26 19.73 32.28 16.99
C SER B 26 21.07 32.96 17.05
N SER B 27 21.43 33.48 18.23
CA SER B 27 22.72 34.12 18.43
C SER B 27 23.75 33.01 18.63
N TYR B 28 24.68 32.88 17.68
CA TYR B 28 25.68 31.82 17.78
C TYR B 28 27.03 32.22 17.25
N GLU B 29 28.05 31.49 17.68
CA GLU B 29 29.42 31.60 17.22
C GLU B 29 29.82 30.22 16.73
N GLU B 30 30.70 30.17 15.75
CA GLU B 30 31.21 28.89 15.26
C GLU B 30 32.65 28.68 15.64
N LYS B 31 32.96 27.49 16.12
CA LYS B 31 34.33 27.08 16.41
C LYS B 31 34.65 26.10 15.30
N LYS B 32 35.50 26.49 14.35
CA LYS B 32 35.82 25.63 13.23
C LYS B 32 37.14 24.91 13.42
N TYR B 33 37.16 23.64 13.10
CA TYR B 33 38.34 22.81 13.24
C TYR B 33 38.87 22.49 11.87
N THR B 34 40.16 22.68 11.65
CA THR B 34 40.74 22.39 10.35
C THR B 34 41.39 21.02 10.40
N MET B 35 41.08 20.20 9.41
CA MET B 35 41.70 18.89 9.31
C MET B 35 42.94 19.04 8.43
N GLY B 36 43.98 18.27 8.74
CA GLY B 36 45.21 18.32 7.96
C GLY B 36 45.07 17.62 6.62
N ASP B 37 46.01 17.90 5.72
CA ASP B 37 45.99 17.28 4.40
C ASP B 37 46.55 15.86 4.44
N ALA B 38 46.48 15.17 3.29
CA ALA B 38 46.95 13.80 3.13
C ALA B 38 48.47 13.67 3.32
N PRO B 39 48.96 12.49 3.74
CA PRO B 39 48.22 11.25 4.06
C PRO B 39 47.80 11.10 5.53
N ASP B 40 48.31 11.97 6.40
CA ASP B 40 48.07 11.92 7.84
C ASP B 40 46.65 12.31 8.20
N TYR B 41 46.14 13.41 7.60
CA TYR B 41 44.82 14.00 7.89
C TYR B 41 44.75 14.31 9.37
N ASP B 42 45.60 15.24 9.78
CA ASP B 42 45.76 15.62 11.16
C ASP B 42 44.49 16.18 11.82
N ARG B 43 43.93 15.41 12.74
CA ARG B 43 42.75 15.85 13.49
C ARG B 43 43.12 16.32 14.90
N SER B 44 44.41 16.66 15.13
CA SER B 44 44.95 17.08 16.41
C SER B 44 44.29 18.34 16.94
N GLN B 45 43.88 19.27 16.06
CA GLN B 45 43.19 20.49 16.49
C GLN B 45 41.90 20.16 17.28
N TRP B 46 41.19 19.12 16.82
CA TRP B 46 39.98 18.70 17.47
C TRP B 46 40.33 17.75 18.63
N LEU B 47 41.14 16.70 18.35
CA LEU B 47 41.53 15.68 19.33
C LEU B 47 42.18 16.20 20.61
N ASN B 48 42.81 17.38 20.55
CA ASN B 48 43.43 17.96 21.73
C ASN B 48 42.39 18.53 22.67
N GLU B 49 41.34 19.22 22.13
CA GLU B 49 40.30 19.72 23.04
C GLU B 49 39.08 18.82 23.10
N LYS B 50 39.13 17.62 22.51
CA LYS B 50 38.00 16.70 22.46
C LYS B 50 37.47 16.33 23.85
N PHE B 51 38.37 16.11 24.82
CA PHE B 51 37.98 15.74 26.17
C PHE B 51 38.03 16.86 27.20
N LYS B 52 38.20 18.11 26.75
CA LYS B 52 38.24 19.25 27.65
C LYS B 52 37.01 20.17 27.53
N LEU B 53 35.92 19.71 26.89
CA LEU B 53 34.75 20.54 26.68
C LEU B 53 33.56 20.21 27.56
N GLY B 54 33.60 19.08 28.25
CA GLY B 54 32.50 18.67 29.12
C GLY B 54 31.38 17.96 28.37
N LEU B 55 31.69 17.46 27.17
CA LEU B 55 30.73 16.75 26.35
C LEU B 55 30.61 15.33 26.90
N ASP B 56 29.39 14.81 26.97
CA ASP B 56 29.15 13.47 27.48
C ASP B 56 29.67 12.42 26.54
N PHE B 57 29.46 12.62 25.25
CA PHE B 57 29.96 11.73 24.22
C PHE B 57 30.62 12.68 23.24
N PRO B 58 31.88 13.07 23.50
CA PRO B 58 32.55 14.05 22.61
C PRO B 58 32.48 13.71 21.13
N ASN B 59 32.04 14.68 20.33
CA ASN B 59 31.85 14.46 18.91
C ASN B 59 31.63 15.76 18.20
N LEU B 60 31.82 15.75 16.86
CA LEU B 60 31.57 16.89 15.98
C LEU B 60 30.39 16.48 15.08
N PRO B 61 29.33 17.30 14.98
CA PRO B 61 29.17 18.61 15.60
C PRO B 61 28.75 18.57 17.06
N TYR B 62 28.99 19.67 17.74
CA TYR B 62 28.58 19.83 19.11
C TYR B 62 28.01 21.24 19.28
N LEU B 63 27.04 21.39 20.16
CA LEU B 63 26.45 22.68 20.43
C LEU B 63 26.57 22.94 21.90
N ILE B 64 27.13 24.08 22.28
CA ILE B 64 27.18 24.46 23.68
C ILE B 64 26.21 25.63 23.84
N ASP B 65 25.15 25.46 24.62
CA ASP B 65 24.22 26.56 24.90
C ASP B 65 24.05 26.69 26.41
N GLY B 66 24.97 27.43 27.01
CA GLY B 66 24.99 27.65 28.46
C GLY B 66 25.36 26.40 29.20
N ALA B 67 24.43 25.90 30.01
CA ALA B 67 24.64 24.67 30.76
C ALA B 67 24.52 23.42 29.89
N HIS B 68 23.80 23.53 28.75
CA HIS B 68 23.55 22.42 27.85
C HIS B 68 24.65 22.20 26.87
N LYS B 69 25.26 21.01 26.89
CA LYS B 69 26.30 20.66 25.93
C LYS B 69 25.75 19.46 25.16
N ILE B 70 25.36 19.64 23.90
CA ILE B 70 24.73 18.60 23.10
C ILE B 70 25.64 18.10 21.99
N THR B 71 25.65 16.79 21.76
CA THR B 71 26.33 16.19 20.63
C THR B 71 25.27 15.42 19.83
N GLN B 72 25.64 14.89 18.64
CA GLN B 72 24.74 14.20 17.71
C GLN B 72 23.93 15.24 16.97
N SER B 73 24.20 15.42 15.70
CA SER B 73 23.56 16.42 14.86
C SER B 73 22.03 16.45 14.97
N ASN B 74 21.36 15.28 14.99
CA ASN B 74 19.88 15.27 15.13
C ASN B 74 19.44 15.75 16.49
N ALA B 75 20.22 15.49 17.54
CA ALA B 75 19.92 15.96 18.88
C ALA B 75 20.09 17.48 18.93
N ILE B 76 21.12 18.02 18.27
CA ILE B 76 21.32 19.48 18.22
C ILE B 76 20.15 20.14 17.51
N LEU B 77 19.71 19.55 16.38
CA LEU B 77 18.58 20.06 15.62
C LEU B 77 17.30 20.05 16.45
N CYS B 78 17.06 18.97 17.18
CA CYS B 78 15.87 18.83 18.01
C CYS B 78 15.86 19.84 19.13
N TYR B 79 17.02 20.11 19.72
CA TYR B 79 17.16 21.06 20.80
C TYR B 79 16.77 22.45 20.30
N ILE B 80 17.34 22.87 19.16
CA ILE B 80 17.04 24.20 18.61
C ILE B 80 15.58 24.30 18.17
N ALA B 81 15.07 23.26 17.50
CA ALA B 81 13.69 23.24 17.05
C ALA B 81 12.71 23.30 18.23
N ARG B 82 13.04 22.71 19.40
CA ARG B 82 12.14 22.78 20.55
C ARG B 82 11.99 24.21 21.07
N LYS B 83 13.06 25.02 21.00
CA LYS B 83 13.01 26.41 21.42
C LYS B 83 12.09 27.25 20.55
N HIS B 84 11.99 26.93 19.24
CA HIS B 84 11.19 27.74 18.33
C HIS B 84 9.97 27.00 17.76
N ASN B 85 9.46 26.00 18.48
CA ASN B 85 8.30 25.20 18.08
C ASN B 85 8.34 24.68 16.62
N LEU B 86 9.46 24.09 16.21
CA LEU B 86 9.64 23.54 14.87
C LEU B 86 9.72 22.02 14.91
N CYS B 87 8.96 21.39 15.80
CA CYS B 87 8.98 19.93 15.98
C CYS B 87 7.70 19.21 15.52
N GLY B 88 6.67 19.96 15.15
CA GLY B 88 5.40 19.36 14.76
C GLY B 88 4.45 19.35 15.94
N GLU B 89 3.17 19.64 15.67
CA GLU B 89 2.19 19.71 16.74
C GLU B 89 1.29 18.50 16.79
N THR B 90 0.64 18.13 15.68
CA THR B 90 -0.23 16.96 15.69
C THR B 90 0.59 15.67 15.76
N GLU B 91 -0.04 14.55 16.14
CA GLU B 91 0.65 13.26 16.18
C GLU B 91 1.10 12.86 14.78
N GLU B 92 0.30 13.17 13.75
CA GLU B 92 0.65 12.87 12.36
C GLU B 92 1.91 13.63 11.94
N GLU B 93 2.02 14.90 12.36
CA GLU B 93 3.18 15.72 12.05
C GLU B 93 4.42 15.17 12.75
N LYS B 94 4.28 14.77 14.01
CA LYS B 94 5.40 14.20 14.76
C LYS B 94 5.89 12.91 14.12
N ILE B 95 4.98 12.06 13.65
CA ILE B 95 5.35 10.82 12.98
C ILE B 95 6.14 11.12 11.70
N ARG B 96 5.72 12.14 10.96
CA ARG B 96 6.42 12.54 9.74
C ARG B 96 7.81 13.06 10.04
N VAL B 97 7.93 13.84 11.13
CA VAL B 97 9.21 14.40 11.54
C VAL B 97 10.15 13.30 11.98
N ASP B 98 9.66 12.35 12.78
CA ASP B 98 10.46 11.24 13.29
C ASP B 98 10.95 10.36 12.16
N ILE B 99 10.06 9.98 11.22
CA ILE B 99 10.46 9.16 10.09
C ILE B 99 11.56 9.84 9.27
N LEU B 100 11.35 11.13 8.96
CA LEU B 100 12.26 11.90 8.13
C LEU B 100 13.57 12.19 8.77
N GLU B 101 13.59 12.44 10.07
CA GLU B 101 14.84 12.70 10.80
C GLU B 101 15.83 11.53 10.65
N ASN B 102 15.28 10.30 10.70
CA ASN B 102 16.03 9.07 10.59
C ASN B 102 16.28 8.69 9.12
N GLN B 103 15.28 8.88 8.27
CA GLN B 103 15.37 8.57 6.85
C GLN B 103 16.44 9.42 6.17
N THR B 104 16.47 10.71 6.46
CA THR B 104 17.48 11.61 5.89
C THR B 104 18.88 11.27 6.37
N MET B 105 19.00 10.81 7.63
CA MET B 105 20.28 10.36 8.16
C MET B 105 20.76 9.13 7.37
N ASP B 106 19.85 8.18 7.10
CA ASP B 106 20.18 7.01 6.29
C ASP B 106 20.63 7.40 4.89
N ASN B 107 19.93 8.35 4.23
CA ASN B 107 20.31 8.76 2.88
C ASN B 107 21.64 9.52 2.85
N HIS B 108 21.91 10.29 3.90
CA HIS B 108 23.19 11.01 4.00
C HIS B 108 24.32 10.00 4.21
N MET B 109 24.09 8.96 5.02
CA MET B 109 25.09 7.94 5.32
C MET B 109 25.42 7.13 4.07
N GLN B 110 24.40 6.74 3.29
CA GLN B 110 24.55 5.96 2.08
C GLN B 110 25.41 6.69 1.06
N LEU B 111 25.19 8.02 0.91
CA LEU B 111 25.98 8.83 0.00
C LEU B 111 27.43 8.93 0.53
N GLY B 112 27.55 9.22 1.82
CA GLY B 112 28.83 9.35 2.49
C GLY B 112 29.66 8.08 2.43
N MET B 113 29.03 6.90 2.48
CA MET B 113 29.75 5.64 2.40
C MET B 113 30.41 5.41 1.04
N ILE B 114 29.69 5.70 -0.06
CA ILE B 114 30.27 5.52 -1.39
C ILE B 114 31.35 6.59 -1.67
N CYS B 115 31.16 7.82 -1.11
CA CYS B 115 32.10 8.93 -1.26
C CYS B 115 33.38 8.72 -0.47
N TYR B 116 33.33 7.99 0.64
CA TYR B 116 34.53 7.75 1.45
C TYR B 116 35.26 6.43 1.11
N ASN B 117 34.64 5.60 0.25
CA ASN B 117 35.17 4.34 -0.22
C ASN B 117 36.16 4.63 -1.35
N PRO B 118 37.33 3.95 -1.36
CA PRO B 118 38.32 4.18 -2.44
C PRO B 118 37.84 3.72 -3.83
N GLU B 119 36.91 2.75 -3.86
CA GLU B 119 36.33 2.26 -5.12
C GLU B 119 35.06 3.06 -5.43
N PHE B 120 35.12 4.40 -5.22
CA PHE B 120 34.02 5.32 -5.46
C PHE B 120 33.58 5.27 -6.93
N GLU B 121 34.54 5.14 -7.87
CA GLU B 121 34.24 5.07 -9.29
C GLU B 121 33.46 3.81 -9.68
N LYS B 122 33.70 2.68 -8.99
CA LYS B 122 32.99 1.42 -9.26
C LYS B 122 31.58 1.40 -8.66
N LEU B 123 31.42 2.05 -7.49
CA LEU B 123 30.16 2.10 -6.76
C LEU B 123 29.19 3.16 -7.29
N LYS B 124 29.73 4.29 -7.77
CA LYS B 124 28.97 5.43 -8.28
C LYS B 124 27.86 5.08 -9.28
N PRO B 125 28.09 4.25 -10.33
CA PRO B 125 26.99 3.96 -11.27
C PRO B 125 25.86 3.17 -10.62
N LYS B 126 26.21 2.25 -9.71
CA LYS B 126 25.19 1.48 -9.01
C LYS B 126 24.35 2.39 -8.10
N TYR B 127 25.00 3.35 -7.42
CA TYR B 127 24.31 4.31 -6.57
C TYR B 127 23.39 5.19 -7.41
N LEU B 128 23.85 5.59 -8.61
CA LEU B 128 23.09 6.42 -9.52
C LEU B 128 21.84 5.72 -10.07
N GLU B 129 21.85 4.38 -10.15
CA GLU B 129 20.68 3.62 -10.62
C GLU B 129 19.59 3.62 -9.55
N GLU B 130 19.98 3.55 -8.27
CA GLU B 130 19.03 3.55 -7.17
C GLU B 130 18.54 4.94 -6.78
N LEU B 131 19.34 5.98 -7.07
CA LEU B 131 19.00 7.36 -6.73
C LEU B 131 17.60 7.80 -7.17
N PRO B 132 17.12 7.50 -8.40
CA PRO B 132 15.77 7.93 -8.77
C PRO B 132 14.71 7.29 -7.88
N GLU B 133 14.88 6.03 -7.50
CA GLU B 133 13.93 5.35 -6.62
C GLU B 133 13.88 6.04 -5.24
N LYS B 134 15.04 6.41 -4.68
CA LYS B 134 15.09 7.09 -3.38
C LYS B 134 14.40 8.45 -3.46
N LEU B 135 14.72 9.24 -4.49
CA LEU B 135 14.14 10.56 -4.68
C LEU B 135 12.63 10.50 -4.91
N LYS B 136 12.15 9.45 -5.58
CA LYS B 136 10.74 9.25 -5.84
C LYS B 136 9.98 9.13 -4.54
N LEU B 137 10.54 8.47 -3.52
CA LEU B 137 9.89 8.36 -2.22
C LEU B 137 9.72 9.72 -1.57
N TYR B 138 10.73 10.60 -1.71
CA TYR B 138 10.65 11.93 -1.15
C TYR B 138 9.60 12.77 -1.85
N SER B 139 9.57 12.71 -3.18
CA SER B 139 8.59 13.40 -4.03
C SER B 139 7.17 12.99 -3.69
N GLU B 140 6.96 11.68 -3.47
CA GLU B 140 5.66 11.13 -3.14
C GLU B 140 5.21 11.46 -1.75
N PHE B 141 6.11 11.35 -0.77
CA PHE B 141 5.83 11.66 0.63
C PHE B 141 5.47 13.14 0.77
N LEU B 142 6.17 14.03 0.03
CA LEU B 142 5.87 15.46 0.10
C LEU B 142 4.49 15.70 -0.52
N GLY B 143 4.30 15.28 -1.77
CA GLY B 143 3.06 15.44 -2.49
C GLY B 143 2.77 16.90 -2.77
N LYS B 144 1.53 17.32 -2.49
CA LYS B 144 1.09 18.70 -2.69
C LYS B 144 1.37 19.61 -1.48
N ARG B 145 2.00 19.08 -0.42
CA ARG B 145 2.27 19.86 0.78
C ARG B 145 3.35 20.90 0.53
N PRO B 146 3.26 22.06 1.19
CA PRO B 146 4.34 23.05 1.06
C PRO B 146 5.65 22.59 1.74
N TRP B 147 5.51 21.92 2.89
CA TRP B 147 6.59 21.40 3.71
C TRP B 147 6.43 19.91 3.98
N PHE B 148 7.50 19.24 4.42
CA PHE B 148 7.48 17.79 4.59
C PHE B 148 6.61 17.25 5.70
N ALA B 149 6.40 18.01 6.78
CA ALA B 149 5.55 17.52 7.88
C ALA B 149 4.06 17.89 7.75
N GLY B 150 3.77 18.90 6.93
CA GLY B 150 2.43 19.37 6.69
C GLY B 150 2.50 20.76 6.10
N ASN B 151 1.71 21.68 6.66
CA ASN B 151 1.68 23.05 6.17
C ASN B 151 2.69 23.95 6.86
N LYS B 152 3.16 23.57 8.04
CA LYS B 152 4.13 24.36 8.78
C LYS B 152 5.54 23.82 8.52
N ILE B 153 6.55 24.70 8.51
CA ILE B 153 7.93 24.28 8.35
C ILE B 153 8.44 23.72 9.70
N THR B 154 9.14 22.59 9.63
CA THR B 154 9.77 21.93 10.79
C THR B 154 11.28 21.78 10.51
N PHE B 155 12.06 21.35 11.50
CA PHE B 155 13.49 21.16 11.31
C PHE B 155 13.80 20.10 10.25
N VAL B 156 12.86 19.14 10.00
CA VAL B 156 13.12 18.11 9.02
C VAL B 156 13.17 18.67 7.60
N ASP B 157 12.59 19.85 7.36
CA ASP B 157 12.69 20.48 6.05
C ASP B 157 14.15 20.88 5.77
N PHE B 158 14.90 21.26 6.81
CA PHE B 158 16.32 21.60 6.71
C PHE B 158 17.16 20.36 6.41
N LEU B 159 16.77 19.19 6.97
CA LEU B 159 17.43 17.93 6.74
C LEU B 159 17.15 17.44 5.32
N VAL B 160 15.86 17.46 4.90
CA VAL B 160 15.48 17.03 3.54
C VAL B 160 16.13 17.91 2.51
N TYR B 161 16.09 19.23 2.72
CA TYR B 161 16.74 20.16 1.81
C TYR B 161 18.23 19.81 1.62
N ASP B 162 18.94 19.49 2.71
CA ASP B 162 20.35 19.18 2.66
C ASP B 162 20.58 17.94 1.82
N VAL B 163 19.81 16.89 2.03
CA VAL B 163 19.96 15.63 1.26
C VAL B 163 19.68 15.90 -0.23
N LEU B 164 18.64 16.67 -0.53
CA LEU B 164 18.29 16.99 -1.90
C LEU B 164 19.38 17.83 -2.56
N ASP B 165 19.89 18.83 -1.84
CA ASP B 165 20.95 19.68 -2.35
C ASP B 165 22.22 18.90 -2.60
N LEU B 166 22.56 17.95 -1.72
CA LEU B 166 23.77 17.15 -1.90
C LEU B 166 23.67 16.30 -3.15
N HIS B 167 22.49 15.72 -3.39
CA HIS B 167 22.30 14.88 -4.55
C HIS B 167 22.28 15.69 -5.81
N ARG B 168 21.85 16.96 -5.77
CA ARG B 168 21.92 17.82 -6.96
C ARG B 168 23.34 18.33 -7.24
N ILE B 169 24.21 18.32 -6.22
CA ILE B 169 25.61 18.65 -6.40
C ILE B 169 26.32 17.44 -7.08
N PHE B 170 25.96 16.23 -6.65
CA PHE B 170 26.48 14.93 -7.08
C PHE B 170 26.00 14.57 -8.48
N GLU B 171 24.70 14.74 -8.76
CA GLU B 171 24.05 14.44 -10.02
C GLU B 171 23.06 15.59 -10.29
N PRO B 172 23.47 16.63 -11.02
CA PRO B 172 22.58 17.79 -11.22
C PRO B 172 21.23 17.52 -11.88
N LYS B 173 21.13 16.51 -12.72
CA LYS B 173 19.87 16.21 -13.41
C LYS B 173 18.89 15.34 -12.59
N CYS B 174 19.29 14.90 -11.40
CA CYS B 174 18.49 13.97 -10.58
C CYS B 174 17.16 14.52 -10.08
N LEU B 175 17.03 15.84 -9.91
CA LEU B 175 15.77 16.41 -9.43
C LEU B 175 14.83 16.83 -10.54
N ASP B 176 15.28 16.83 -11.81
CA ASP B 176 14.50 17.23 -12.97
C ASP B 176 13.22 16.41 -13.16
N ALA B 177 13.25 15.12 -12.77
CA ALA B 177 12.06 14.28 -12.88
C ALA B 177 11.01 14.53 -11.77
N PHE B 178 11.38 15.28 -10.70
CA PHE B 178 10.54 15.55 -9.52
C PHE B 178 10.31 17.04 -9.38
N PRO B 179 9.26 17.55 -10.04
CA PRO B 179 9.00 19.00 -10.03
C PRO B 179 8.71 19.56 -8.65
N ASN B 180 8.02 18.79 -7.78
CA ASN B 180 7.74 19.28 -6.44
C ASN B 180 8.99 19.33 -5.57
N LEU B 181 9.98 18.45 -5.83
CA LEU B 181 11.23 18.51 -5.09
C LEU B 181 12.02 19.75 -5.50
N LYS B 182 11.99 20.12 -6.79
CA LYS B 182 12.65 21.32 -7.27
C LYS B 182 11.98 22.56 -6.66
N ASP B 183 10.63 22.54 -6.59
CA ASP B 183 9.82 23.61 -6.02
C ASP B 183 10.10 23.78 -4.55
N PHE B 184 10.24 22.67 -3.82
CA PHE B 184 10.59 22.67 -2.41
C PHE B 184 11.94 23.38 -2.19
N ILE B 185 12.97 23.04 -3.01
CA ILE B 185 14.28 23.67 -2.89
C ILE B 185 14.19 25.18 -3.12
N SER B 186 13.37 25.59 -4.08
CA SER B 186 13.16 26.99 -4.42
C SER B 186 12.45 27.74 -3.26
N ARG B 187 11.42 27.13 -2.69
CA ARG B 187 10.62 27.68 -1.61
C ARG B 187 11.47 27.81 -0.34
N PHE B 188 12.29 26.80 -0.06
CA PHE B 188 13.18 26.78 1.12
C PHE B 188 14.25 27.84 0.97
N GLU B 189 14.89 27.91 -0.21
CA GLU B 189 15.93 28.91 -0.45
C GLU B 189 15.39 30.35 -0.52
N GLY B 190 14.10 30.51 -0.77
CA GLY B 190 13.42 31.79 -0.87
C GLY B 190 13.00 32.37 0.46
N LEU B 191 13.13 31.60 1.56
CA LEU B 191 12.82 32.08 2.92
C LEU B 191 13.75 33.25 3.22
N GLU B 192 13.23 34.32 3.80
CA GLU B 192 13.99 35.54 3.99
C GLU B 192 15.33 35.37 4.71
N LYS B 193 15.35 34.63 5.83
CA LYS B 193 16.60 34.43 6.57
C LYS B 193 17.55 33.50 5.84
N ILE B 194 17.00 32.45 5.22
CA ILE B 194 17.76 31.47 4.46
C ILE B 194 18.43 32.15 3.28
N SER B 195 17.70 33.03 2.58
CA SER B 195 18.20 33.76 1.42
C SER B 195 19.32 34.69 1.82
N ALA B 196 19.12 35.43 2.93
CA ALA B 196 20.13 36.34 3.46
C ALA B 196 21.42 35.61 3.82
N TYR B 197 21.31 34.47 4.52
CA TYR B 197 22.45 33.67 4.93
C TYR B 197 23.24 33.12 3.74
N MET B 198 22.56 32.72 2.67
CA MET B 198 23.24 32.18 1.48
C MET B 198 24.02 33.24 0.69
N LYS B 199 23.65 34.51 0.84
CA LYS B 199 24.33 35.63 0.20
C LYS B 199 25.51 36.14 1.06
N SER B 200 25.46 35.90 2.38
CA SER B 200 26.47 36.30 3.34
C SER B 200 27.78 35.51 3.21
N SER B 201 28.83 35.96 3.93
CA SER B 201 30.15 35.34 3.97
C SER B 201 30.19 34.08 4.86
N ARG B 202 29.25 33.97 5.82
CA ARG B 202 29.14 32.83 6.73
C ARG B 202 28.78 31.53 6.01
N PHE B 203 28.11 31.62 4.86
CA PHE B 203 27.66 30.48 4.08
C PHE B 203 28.80 29.57 3.69
N LEU B 204 28.67 28.28 4.01
CA LEU B 204 29.72 27.31 3.72
C LEU B 204 29.12 26.08 3.03
N PRO B 205 28.83 26.18 1.73
CA PRO B 205 28.21 25.03 1.02
C PRO B 205 29.18 23.94 0.59
N ARG B 206 30.49 24.25 0.58
CA ARG B 206 31.54 23.32 0.20
C ARG B 206 32.75 23.50 1.14
N PRO B 207 33.59 22.46 1.36
CA PRO B 207 33.48 21.09 0.84
C PRO B 207 32.29 20.34 1.45
N VAL B 208 31.76 19.41 0.71
CA VAL B 208 30.62 18.63 1.13
C VAL B 208 31.01 17.68 2.28
N PHE B 209 32.15 16.99 2.14
CA PHE B 209 32.65 16.07 3.15
C PHE B 209 34.06 16.51 3.64
N SER B 210 34.71 15.70 4.50
CA SER B 210 36.04 16.00 5.01
C SER B 210 37.13 15.66 3.97
N LYS B 211 38.40 16.04 4.25
CA LYS B 211 39.54 15.81 3.36
C LYS B 211 39.79 14.33 3.02
N MET B 212 39.34 13.40 3.89
CA MET B 212 39.51 11.96 3.68
C MET B 212 38.55 11.33 2.65
N ALA B 213 37.57 12.10 2.16
CA ALA B 213 36.61 11.59 1.21
C ALA B 213 37.18 11.60 -0.21
N VAL B 214 36.83 10.60 -1.00
CA VAL B 214 37.22 10.49 -2.41
C VAL B 214 36.43 11.53 -3.22
N TRP B 215 35.13 11.72 -2.90
CA TRP B 215 34.31 12.74 -3.56
C TRP B 215 33.88 13.80 -2.53
N GLY B 216 33.90 15.06 -2.91
CA GLY B 216 33.45 16.14 -2.05
C GLY B 216 34.44 16.60 -0.99
N ASN B 217 35.72 16.23 -1.14
CA ASN B 217 36.76 16.67 -0.20
C ASN B 217 37.19 18.12 -0.39
N LYS B 218 36.93 18.69 -1.58
CA LYS B 218 37.27 20.07 -1.91
C LYS B 218 36.00 20.84 -2.34
N PRO C 2 -17.57 16.94 -0.40
CA PRO C 2 -17.43 16.44 -1.77
C PRO C 2 -16.94 15.00 -1.87
N MET C 3 -17.56 14.19 -2.72
CA MET C 3 -17.10 12.82 -2.95
C MET C 3 -15.88 12.87 -3.84
N ILE C 4 -14.98 11.89 -3.73
CA ILE C 4 -13.80 11.85 -4.59
C ILE C 4 -13.92 10.69 -5.54
N LEU C 5 -13.89 10.96 -6.85
CA LEU C 5 -13.91 9.92 -7.85
C LEU C 5 -12.49 9.77 -8.35
N GLY C 6 -11.88 8.62 -8.08
CA GLY C 6 -10.54 8.36 -8.54
C GLY C 6 -10.54 7.38 -9.68
N TYR C 7 -9.85 7.71 -10.76
CA TYR C 7 -9.73 6.88 -11.94
C TYR C 7 -8.61 7.46 -12.85
N TRP C 8 -8.22 6.72 -13.89
CA TRP C 8 -7.28 7.19 -14.89
C TRP C 8 -7.83 8.44 -15.62
N ASP C 9 -6.95 9.16 -16.33
CA ASP C 9 -7.31 10.35 -17.07
C ASP C 9 -8.00 10.00 -18.41
N ILE C 10 -8.68 8.84 -18.48
CA ILE C 10 -9.39 8.34 -19.67
C ILE C 10 -10.91 8.27 -19.38
N ARG C 11 -11.71 7.93 -20.41
CA ARG C 11 -13.14 7.75 -20.28
C ARG C 11 -13.36 6.40 -19.52
N GLY C 12 -13.03 5.27 -20.16
CA GLY C 12 -13.12 3.94 -19.58
C GLY C 12 -14.36 3.61 -18.78
N LEU C 13 -14.16 2.97 -17.62
CA LEU C 13 -15.22 2.56 -16.74
C LEU C 13 -15.82 3.67 -15.89
N ALA C 14 -15.24 4.88 -15.93
CA ALA C 14 -15.77 5.97 -15.13
C ALA C 14 -16.80 6.84 -15.85
N HIS C 15 -16.99 6.65 -17.16
CA HIS C 15 -17.88 7.49 -17.95
C HIS C 15 -19.32 7.57 -17.38
N ALA C 16 -19.91 6.42 -17.06
CA ALA C 16 -21.25 6.38 -16.52
C ALA C 16 -21.32 6.95 -15.10
N ILE C 17 -20.25 6.77 -14.30
CA ILE C 17 -20.19 7.31 -12.94
C ILE C 17 -20.17 8.82 -13.02
N ARG C 18 -19.36 9.38 -13.91
CA ARG C 18 -19.27 10.82 -14.11
C ARG C 18 -20.63 11.41 -14.52
N LEU C 19 -21.30 10.75 -15.48
CA LEU C 19 -22.60 11.17 -15.98
C LEU C 19 -23.65 11.07 -14.89
N LEU C 20 -23.63 10.00 -14.10
CA LEU C 20 -24.60 9.82 -13.02
C LEU C 20 -24.40 10.87 -11.93
N LEU C 21 -23.15 11.23 -11.65
CA LEU C 21 -22.84 12.26 -10.65
C LEU C 21 -23.36 13.61 -11.14
N GLU C 22 -23.14 13.93 -12.42
CA GLU C 22 -23.63 15.18 -12.99
C GLU C 22 -25.15 15.26 -13.00
N TYR C 23 -25.82 14.19 -13.43
CA TYR C 23 -27.28 14.15 -13.46
C TYR C 23 -27.91 14.25 -12.07
N THR C 24 -27.28 13.67 -11.06
CA THR C 24 -27.78 13.74 -9.69
C THR C 24 -27.37 15.03 -8.94
N ASP C 25 -26.60 15.92 -9.59
CA ASP C 25 -26.12 17.18 -9.02
C ASP C 25 -25.28 16.89 -7.76
N SER C 26 -24.48 15.82 -7.82
CA SER C 26 -23.65 15.40 -6.71
C SER C 26 -22.41 16.25 -6.65
N SER C 27 -22.05 16.69 -5.44
CA SER C 27 -20.85 17.48 -5.23
C SER C 27 -19.66 16.53 -5.24
N TYR C 28 -18.79 16.65 -6.23
CA TYR C 28 -17.65 15.75 -6.33
C TYR C 28 -16.41 16.41 -6.90
N GLU C 29 -15.27 15.79 -6.61
CA GLU C 29 -13.97 16.16 -7.14
C GLU C 29 -13.39 14.92 -7.80
N GLU C 30 -12.57 15.09 -8.82
CA GLU C 30 -11.93 13.97 -9.48
C GLU C 30 -10.45 13.92 -9.19
N LYS C 31 -9.94 12.74 -8.88
CA LYS C 31 -8.52 12.51 -8.71
C LYS C 31 -8.12 11.71 -9.94
N LYS C 32 -7.40 12.34 -10.88
CA LYS C 32 -7.02 11.65 -12.10
C LYS C 32 -5.61 11.14 -12.04
N TYR C 33 -5.40 9.89 -12.49
CA TYR C 33 -4.09 9.26 -12.51
C TYR C 33 -3.65 9.16 -13.95
N THR C 34 -2.45 9.64 -14.25
CA THR C 34 -1.95 9.57 -15.62
C THR C 34 -1.10 8.34 -15.79
N MET C 35 -1.35 7.60 -16.86
CA MET C 35 -0.57 6.42 -17.15
C MET C 35 0.54 6.84 -18.12
N GLY C 36 1.71 6.24 -17.95
CA GLY C 36 2.87 6.53 -18.80
C GLY C 36 2.73 5.96 -20.19
N ASP C 37 3.52 6.47 -21.13
CA ASP C 37 3.48 5.98 -22.51
C ASP C 37 4.24 4.66 -22.66
N ALA C 38 4.20 4.07 -23.87
CA ALA C 38 4.89 2.83 -24.17
C ALA C 38 6.43 2.98 -24.11
N PRO C 39 7.19 1.91 -23.83
CA PRO C 39 6.75 0.53 -23.57
C PRO C 39 6.47 0.17 -22.10
N ASP C 40 6.87 1.06 -21.19
CA ASP C 40 6.75 0.85 -19.76
C ASP C 40 5.32 0.89 -19.27
N TYR C 41 4.50 1.85 -19.77
CA TYR C 41 3.11 2.04 -19.35
C TYR C 41 3.04 2.27 -17.85
N ASP C 42 3.78 3.30 -17.43
CA ASP C 42 3.98 3.71 -16.05
C ASP C 42 2.72 3.92 -15.23
N ARG C 43 2.36 2.92 -14.44
CA ARG C 43 1.21 3.02 -13.55
C ARG C 43 1.59 3.45 -12.11
N SER C 44 2.83 3.97 -11.93
CA SER C 44 3.40 4.37 -10.65
C SER C 44 2.58 5.38 -9.91
N GLN C 45 1.90 6.26 -10.63
CA GLN C 45 1.09 7.29 -9.98
C GLN C 45 -0.04 6.66 -9.15
N TRP C 46 -0.62 5.57 -9.69
CA TRP C 46 -1.66 4.86 -8.98
C TRP C 46 -1.02 3.86 -8.02
N LEU C 47 -0.17 2.95 -8.53
CA LEU C 47 0.48 1.90 -7.75
C LEU C 47 1.12 2.37 -6.45
N ASN C 48 1.54 3.64 -6.39
CA ASN C 48 2.17 4.15 -5.19
C ASN C 48 1.15 4.44 -4.12
N GLU C 49 -0.01 5.06 -4.46
CA GLU C 49 -1.04 5.32 -3.45
C GLU C 49 -2.21 4.31 -3.46
N LYS C 50 -2.06 3.18 -4.18
CA LYS C 50 -3.09 2.13 -4.27
C LYS C 50 -3.41 1.57 -2.89
N PHE C 51 -2.37 1.35 -2.07
CA PHE C 51 -2.54 0.78 -0.75
C PHE C 51 -2.59 1.81 0.38
N LYS C 52 -2.63 3.10 0.06
CA LYS C 52 -2.65 4.16 1.06
C LYS C 52 -4.00 4.86 1.16
N LEU C 53 -5.07 4.32 0.55
CA LEU C 53 -6.37 4.99 0.55
C LEU C 53 -7.42 4.41 1.47
N GLY C 54 -7.16 3.21 2.01
CA GLY C 54 -8.14 2.55 2.87
C GLY C 54 -9.20 1.78 2.11
N LEU C 55 -8.96 1.50 0.81
CA LEU C 55 -9.89 0.74 -0.01
C LEU C 55 -9.76 -0.74 0.35
N ASP C 56 -10.90 -1.43 0.47
CA ASP C 56 -10.92 -2.85 0.85
C ASP C 56 -10.34 -3.73 -0.24
N PHE C 57 -10.69 -3.43 -1.48
CA PHE C 57 -10.16 -4.14 -2.64
C PHE C 57 -9.70 -3.03 -3.55
N PRO C 58 -8.46 -2.57 -3.37
CA PRO C 58 -7.96 -1.43 -4.15
C PRO C 58 -8.11 -1.57 -5.66
N ASN C 59 -8.70 -0.54 -6.26
CA ASN C 59 -8.98 -0.56 -7.68
C ASN C 59 -9.39 0.82 -8.16
N LEU C 60 -9.44 0.97 -9.51
CA LEU C 60 -9.89 2.14 -10.26
C LEU C 60 -11.02 1.66 -11.18
N PRO C 61 -12.18 2.30 -11.10
CA PRO C 61 -12.49 3.50 -10.31
C PRO C 61 -12.77 3.25 -8.83
N TYR C 62 -12.63 4.29 -8.05
CA TYR C 62 -12.98 4.28 -6.65
C TYR C 62 -13.75 5.56 -6.32
N LEU C 63 -14.60 5.46 -5.33
CA LEU C 63 -15.37 6.61 -4.88
C LEU C 63 -15.19 6.71 -3.40
N ILE C 64 -14.77 7.87 -2.90
CA ILE C 64 -14.65 8.10 -1.47
C ILE C 64 -15.76 9.08 -1.11
N ASP C 65 -16.72 8.65 -0.30
CA ASP C 65 -17.78 9.55 0.17
C ASP C 65 -17.85 9.44 1.70
N GLY C 66 -17.00 10.23 2.35
CA GLY C 66 -16.91 10.26 3.80
C GLY C 66 -16.30 9.00 4.35
N ALA C 67 -17.09 8.27 5.14
CA ALA C 67 -16.66 7.00 5.71
C ALA C 67 -16.67 5.86 4.67
N HIS C 68 -17.48 6.01 3.61
CA HIS C 68 -17.64 4.99 2.58
C HIS C 68 -16.58 5.08 1.51
N LYS C 69 -15.81 4.02 1.34
CA LYS C 69 -14.81 3.95 0.29
C LYS C 69 -15.23 2.77 -0.58
N ILE C 70 -15.75 3.05 -1.79
CA ILE C 70 -16.29 2.03 -2.68
C ILE C 70 -15.41 1.79 -3.87
N THR C 71 -15.22 0.54 -4.24
CA THR C 71 -14.54 0.17 -5.47
C THR C 71 -15.55 -0.66 -6.30
N GLN C 72 -15.20 -0.97 -7.56
CA GLN C 72 -16.05 -1.68 -8.52
C GLN C 72 -17.03 -0.68 -9.07
N SER C 73 -16.89 -0.36 -10.34
CA SER C 73 -17.74 0.63 -11.03
C SER C 73 -19.25 0.43 -10.81
N ASN C 74 -19.74 -0.82 -10.89
CA ASN C 74 -21.18 -1.08 -10.68
C ASN C 74 -21.61 -0.80 -9.24
N ALA C 75 -20.71 -1.07 -8.29
CA ALA C 75 -21.00 -0.81 -6.89
C ALA C 75 -21.03 0.70 -6.66
N ILE C 76 -20.13 1.47 -7.30
CA ILE C 76 -20.15 2.93 -7.19
C ILE C 76 -21.46 3.49 -7.75
N LEU C 77 -21.89 2.98 -8.92
CA LEU C 77 -23.14 3.38 -9.54
C LEU C 77 -24.32 3.09 -8.65
N CYS C 78 -24.36 1.90 -8.04
CA CYS C 78 -25.45 1.49 -7.16
C CYS C 78 -25.53 2.36 -5.93
N TYR C 79 -24.37 2.72 -5.37
CA TYR C 79 -24.28 3.57 -4.19
C TYR C 79 -24.90 4.92 -4.49
N ILE C 80 -24.48 5.56 -5.60
CA ILE C 80 -25.01 6.86 -5.97
C ILE C 80 -26.49 6.79 -6.31
N ALA C 81 -26.90 5.76 -7.08
CA ALA C 81 -28.30 5.59 -7.46
C ALA C 81 -29.19 5.38 -6.23
N ARG C 82 -28.69 4.72 -5.16
CA ARG C 82 -29.49 4.52 -3.95
C ARG C 82 -29.81 5.84 -3.27
N LYS C 83 -28.88 6.80 -3.29
CA LYS C 83 -29.08 8.11 -2.71
C LYS C 83 -30.17 8.89 -3.42
N HIS C 84 -30.33 8.72 -4.74
CA HIS C 84 -31.30 9.51 -5.50
C HIS C 84 -32.43 8.66 -6.12
N ASN C 85 -32.75 7.52 -5.50
CA ASN C 85 -33.82 6.63 -5.93
C ASN C 85 -33.81 6.28 -7.43
N LEU C 86 -32.65 5.89 -7.95
CA LEU C 86 -32.50 5.53 -9.36
C LEU C 86 -32.22 4.05 -9.54
N CYS C 87 -32.83 3.19 -8.70
CA CYS C 87 -32.56 1.75 -8.74
C CYS C 87 -33.72 0.88 -9.24
N GLY C 88 -34.92 1.45 -9.34
CA GLY C 88 -36.10 0.69 -9.73
C GLY C 88 -36.97 0.49 -8.52
N GLU C 89 -38.28 0.63 -8.68
CA GLU C 89 -39.21 0.46 -7.56
C GLU C 89 -39.93 -0.88 -7.61
N THR C 90 -40.57 -1.20 -8.74
CA THR C 90 -41.27 -2.47 -8.87
C THR C 90 -40.26 -3.62 -9.02
N GLU C 91 -40.71 -4.86 -8.78
CA GLU C 91 -39.86 -6.03 -8.99
C GLU C 91 -39.47 -6.15 -10.46
N GLU C 92 -40.37 -5.80 -11.38
CA GLU C 92 -40.08 -5.85 -12.82
C GLU C 92 -38.94 -4.89 -13.17
N GLU C 93 -38.97 -3.67 -12.62
CA GLU C 93 -37.92 -2.67 -12.84
C GLU C 93 -36.59 -3.15 -12.27
N LYS C 94 -36.62 -3.76 -11.07
CA LYS C 94 -35.39 -4.27 -10.45
C LYS C 94 -34.78 -5.38 -11.28
N ILE C 95 -35.61 -6.29 -11.82
CA ILE C 95 -35.10 -7.37 -12.68
C ILE C 95 -34.43 -6.80 -13.92
N ARG C 96 -35.04 -5.79 -14.53
CA ARG C 96 -34.50 -5.16 -15.72
C ARG C 96 -33.19 -4.47 -15.42
N VAL C 97 -33.13 -3.77 -14.28
CA VAL C 97 -31.92 -3.07 -13.85
C VAL C 97 -30.80 -4.08 -13.60
N ASP C 98 -31.08 -5.18 -12.86
CA ASP C 98 -30.09 -6.21 -12.54
C ASP C 98 -29.56 -6.87 -13.78
N ILE C 99 -30.44 -7.26 -14.72
CA ILE C 99 -29.99 -7.89 -15.96
C ILE C 99 -29.06 -6.96 -16.73
N LEU C 100 -29.46 -5.71 -16.88
CA LEU C 100 -28.72 -4.72 -17.66
C LEU C 100 -27.41 -4.33 -17.06
N GLU C 101 -27.34 -4.22 -15.73
CA GLU C 101 -26.10 -3.86 -15.05
C GLU C 101 -24.97 -4.87 -15.39
N ASN C 102 -25.35 -6.15 -15.46
CA ASN C 102 -24.45 -7.25 -15.75
C ASN C 102 -24.25 -7.43 -17.24
N GLN C 103 -25.32 -7.28 -18.02
CA GLN C 103 -25.28 -7.41 -19.47
C GLN C 103 -24.38 -6.37 -20.09
N THR C 104 -24.51 -5.12 -19.66
CA THR C 104 -23.67 -4.03 -20.18
C THR C 104 -22.20 -4.25 -19.82
N MET C 105 -21.93 -4.81 -18.63
CA MET C 105 -20.57 -5.13 -18.22
C MET C 105 -20.00 -6.19 -19.18
N ASP C 106 -20.79 -7.20 -19.53
CA ASP C 106 -20.34 -8.22 -20.49
C ASP C 106 -20.08 -7.61 -21.84
N ASN C 107 -20.91 -6.67 -22.29
CA ASN C 107 -20.68 -6.03 -23.58
C ASN C 107 -19.43 -5.16 -23.57
N HIS C 108 -19.18 -4.45 -22.47
CA HIS C 108 -17.98 -3.64 -22.30
C HIS C 108 -16.72 -4.51 -22.30
N MET C 109 -16.80 -5.68 -21.69
CA MET C 109 -15.69 -6.63 -21.62
C MET C 109 -15.37 -7.17 -23.00
N GLN C 110 -16.38 -7.49 -23.81
CA GLN C 110 -16.19 -8.03 -25.16
C GLN C 110 -15.48 -7.04 -26.08
N LEU C 111 -15.93 -5.78 -26.09
CA LEU C 111 -15.29 -4.74 -26.90
C LEU C 111 -13.85 -4.52 -26.37
N GLY C 112 -13.70 -4.45 -25.05
CA GLY C 112 -12.42 -4.26 -24.39
C GLY C 112 -11.42 -5.37 -24.64
N MET C 113 -11.88 -6.62 -24.79
CA MET C 113 -10.99 -7.75 -25.06
C MET C 113 -10.41 -7.71 -26.47
N ILE C 114 -11.23 -7.36 -27.48
CA ILE C 114 -10.72 -7.28 -28.85
C ILE C 114 -9.84 -6.04 -29.04
N CYS C 115 -10.15 -4.93 -28.34
CA CYS C 115 -9.40 -3.68 -28.42
C CYS C 115 -8.04 -3.79 -27.74
N TYR C 116 -7.92 -4.61 -26.70
CA TYR C 116 -6.64 -4.76 -25.99
C TYR C 116 -5.71 -5.84 -26.61
N ASN C 117 -6.31 -6.75 -27.41
CA ASN C 117 -5.63 -7.84 -28.11
C ASN C 117 -4.79 -7.26 -29.24
N PRO C 118 -3.53 -7.74 -29.40
CA PRO C 118 -2.68 -7.21 -30.48
C PRO C 118 -3.17 -7.57 -31.89
N GLU C 119 -3.94 -8.66 -32.01
CA GLU C 119 -4.53 -9.09 -33.29
C GLU C 119 -5.92 -8.46 -33.43
N PHE C 120 -6.04 -7.17 -33.07
CA PHE C 120 -7.28 -6.41 -33.13
C PHE C 120 -7.82 -6.35 -34.55
N GLU C 121 -6.93 -6.22 -35.54
CA GLU C 121 -7.34 -6.16 -36.94
C GLU C 121 -7.94 -7.47 -37.46
N LYS C 122 -7.50 -8.62 -36.93
CA LYS C 122 -8.02 -9.93 -37.33
C LYS C 122 -9.37 -10.25 -36.65
N LEU C 123 -9.53 -9.78 -35.40
CA LEU C 123 -10.72 -10.00 -34.59
C LEU C 123 -11.88 -9.06 -34.91
N LYS C 124 -11.55 -7.81 -35.27
CA LYS C 124 -12.50 -6.75 -35.59
C LYS C 124 -13.62 -7.16 -36.57
N PRO C 125 -13.35 -7.82 -37.72
CA PRO C 125 -14.46 -8.20 -38.63
C PRO C 125 -15.40 -9.22 -38.01
N LYS C 126 -14.86 -10.17 -37.23
CA LYS C 126 -15.70 -11.15 -36.56
C LYS C 126 -16.60 -10.48 -35.51
N TYR C 127 -16.05 -9.52 -34.76
CA TYR C 127 -16.81 -8.76 -33.77
C TYR C 127 -17.91 -7.94 -34.46
N LEU C 128 -17.60 -7.36 -35.62
CA LEU C 128 -18.53 -6.56 -36.41
C LEU C 128 -19.69 -7.38 -36.96
N GLU C 129 -19.49 -8.69 -37.20
CA GLU C 129 -20.58 -9.55 -37.67
C GLU C 129 -21.59 -9.82 -36.56
N GLU C 130 -21.11 -9.95 -35.33
CA GLU C 130 -21.97 -10.22 -34.18
C GLU C 130 -22.61 -8.95 -33.61
N LEU C 131 -21.99 -7.79 -33.83
CA LEU C 131 -22.48 -6.52 -33.31
C LEU C 131 -23.96 -6.22 -33.63
N PRO C 132 -24.47 -6.46 -34.86
CA PRO C 132 -25.88 -6.20 -35.12
C PRO C 132 -26.79 -7.06 -34.25
N GLU C 133 -26.40 -8.33 -34.02
CA GLU C 133 -27.20 -9.22 -33.17
C GLU C 133 -27.27 -8.70 -31.76
N LYS C 134 -26.14 -8.23 -31.21
CA LYS C 134 -26.10 -7.72 -29.86
C LYS C 134 -26.97 -6.45 -29.73
N LEU C 135 -26.80 -5.49 -30.66
CA LEU C 135 -27.58 -4.27 -30.62
C LEU C 135 -29.07 -4.52 -30.80
N LYS C 136 -29.44 -5.56 -31.57
CA LYS C 136 -30.85 -5.93 -31.75
C LYS C 136 -31.47 -6.33 -30.44
N LEU C 137 -30.70 -7.02 -29.55
CA LEU C 137 -31.22 -7.39 -28.23
C LEU C 137 -31.49 -6.14 -27.39
N TYR C 138 -30.62 -5.12 -27.48
CA TYR C 138 -30.83 -3.87 -26.76
C TYR C 138 -32.05 -3.12 -27.28
N SER C 139 -32.22 -3.08 -28.60
CA SER C 139 -33.37 -2.45 -29.25
C SER C 139 -34.68 -3.17 -28.89
N GLU C 140 -34.66 -4.51 -28.89
CA GLU C 140 -35.84 -5.30 -28.57
C GLU C 140 -36.22 -5.17 -27.12
N PHE C 141 -35.23 -5.13 -26.23
CA PHE C 141 -35.48 -4.99 -24.79
C PHE C 141 -36.06 -3.61 -24.49
N LEU C 142 -35.54 -2.56 -25.16
CA LEU C 142 -36.04 -1.21 -24.97
C LEU C 142 -37.47 -1.09 -25.48
N GLY C 143 -37.72 -1.50 -26.72
CA GLY C 143 -39.04 -1.42 -27.33
C GLY C 143 -39.53 0.00 -27.44
N LYS C 144 -40.79 0.24 -27.04
CA LYS C 144 -41.38 1.57 -27.06
C LYS C 144 -41.15 2.36 -25.74
N ARG C 145 -40.39 1.79 -24.78
CA ARG C 145 -40.16 2.46 -23.50
C ARG C 145 -39.27 3.66 -23.66
N PRO C 146 -39.48 4.71 -22.84
CA PRO C 146 -38.57 5.86 -22.90
C PRO C 146 -37.19 5.52 -22.33
N TRP C 147 -37.16 4.70 -21.27
CA TRP C 147 -35.95 4.26 -20.57
C TRP C 147 -35.88 2.74 -20.51
N PHE C 148 -34.71 2.18 -20.20
CA PHE C 148 -34.51 0.74 -20.20
C PHE C 148 -35.21 -0.04 -19.10
N ALA C 149 -35.48 0.56 -17.93
CA ALA C 149 -36.16 -0.17 -16.86
C ALA C 149 -37.71 -0.01 -16.89
N GLY C 150 -38.18 1.02 -17.58
CA GLY C 150 -39.60 1.32 -17.69
C GLY C 150 -39.78 2.75 -18.11
N ASN C 151 -40.65 3.48 -17.40
CA ASN C 151 -40.88 4.89 -17.71
C ASN C 151 -39.97 5.84 -16.97
N LYS C 152 -39.38 5.41 -15.86
CA LYS C 152 -38.50 6.24 -15.07
C LYS C 152 -37.03 5.91 -15.44
N ILE C 153 -36.16 6.93 -15.39
CA ILE C 153 -34.75 6.72 -15.66
C ILE C 153 -34.09 6.11 -14.42
N THR C 154 -33.22 5.11 -14.64
CA THR C 154 -32.43 4.44 -13.62
C THR C 154 -30.95 4.53 -14.01
N PHE C 155 -30.04 4.12 -13.12
CA PHE C 155 -28.60 4.17 -13.39
C PHE C 155 -28.22 3.30 -14.59
N VAL C 156 -29.01 2.25 -14.90
CA VAL C 156 -28.67 1.38 -16.03
C VAL C 156 -28.81 2.09 -17.35
N ASP C 157 -29.58 3.19 -17.42
CA ASP C 157 -29.65 4.00 -18.63
C ASP C 157 -28.30 4.63 -18.93
N PHE C 158 -27.52 5.00 -17.90
CA PHE C 158 -26.19 5.55 -18.01
C PHE C 158 -25.20 4.50 -18.52
N LEU C 159 -25.37 3.25 -18.10
CA LEU C 159 -24.54 2.12 -18.51
C LEU C 159 -24.84 1.78 -19.96
N VAL C 160 -26.15 1.66 -20.32
CA VAL C 160 -26.55 1.35 -21.69
C VAL C 160 -26.07 2.45 -22.63
N TYR C 161 -26.23 3.70 -22.23
CA TYR C 161 -25.77 4.82 -23.06
C TYR C 161 -24.28 4.73 -23.31
N ASP C 162 -23.50 4.40 -22.27
CA ASP C 162 -22.05 4.27 -22.42
C ASP C 162 -21.70 3.18 -23.43
N VAL C 163 -22.36 2.03 -23.37
CA VAL C 163 -22.06 0.93 -24.27
C VAL C 163 -22.46 1.28 -25.70
N LEU C 164 -23.63 1.94 -25.87
CA LEU C 164 -24.08 2.32 -27.19
C LEU C 164 -23.18 3.38 -27.82
N ASP C 165 -22.78 4.38 -27.04
CA ASP C 165 -21.89 5.45 -27.50
C ASP C 165 -20.57 4.90 -27.99
N LEU C 166 -20.02 3.92 -27.27
CA LEU C 166 -18.75 3.31 -27.66
C LEU C 166 -18.86 2.57 -28.96
N HIS C 167 -19.97 1.87 -29.17
CA HIS C 167 -20.16 1.12 -30.38
C HIS C 167 -20.36 2.03 -31.56
N ARG C 168 -20.94 3.23 -31.35
CA ARG C 168 -21.08 4.20 -32.44
C ARG C 168 -19.74 4.93 -32.72
N ILE C 169 -18.82 4.94 -31.77
CA ILE C 169 -17.49 5.50 -31.97
C ILE C 169 -16.69 4.47 -32.80
N PHE C 170 -16.72 3.20 -32.39
CA PHE C 170 -16.06 2.08 -33.03
C PHE C 170 -16.58 1.86 -34.45
N GLU C 171 -17.90 1.78 -34.62
CA GLU C 171 -18.57 1.56 -35.92
C GLU C 171 -19.74 2.53 -35.97
N PRO C 172 -19.59 3.68 -36.63
CA PRO C 172 -20.66 4.68 -36.62
C PRO C 172 -22.00 4.28 -37.24
N LYS C 173 -22.01 3.36 -38.20
CA LYS C 173 -23.25 2.95 -38.85
C LYS C 173 -24.06 1.88 -38.10
N CYS C 174 -23.52 1.35 -37.00
CA CYS C 174 -24.14 0.25 -36.26
C CYS C 174 -25.50 0.56 -35.64
N LEU C 175 -25.78 1.82 -35.28
CA LEU C 175 -27.07 2.17 -34.68
C LEU C 175 -28.12 2.59 -35.68
N ASP C 176 -27.74 2.82 -36.95
CA ASP C 176 -28.65 3.26 -38.01
C ASP C 176 -29.82 2.29 -38.26
N ALA C 177 -29.60 0.99 -38.05
CA ALA C 177 -30.67 0.02 -38.22
C ALA C 177 -31.64 -0.03 -37.03
N PHE C 178 -31.32 0.65 -35.90
CA PHE C 178 -32.14 0.66 -34.66
C PHE C 178 -32.54 2.08 -34.34
N PRO C 179 -33.69 2.50 -34.88
CA PRO C 179 -34.13 3.88 -34.65
C PRO C 179 -34.39 4.20 -33.19
N ASN C 180 -34.89 3.24 -32.41
CA ASN C 180 -35.16 3.48 -30.99
C ASN C 180 -33.88 3.61 -30.19
N LEU C 181 -32.78 2.96 -30.63
CA LEU C 181 -31.49 3.11 -29.96
C LEU C 181 -30.94 4.52 -30.18
N LYS C 182 -31.10 5.02 -31.42
CA LYS C 182 -30.66 6.38 -31.78
C LYS C 182 -31.47 7.39 -30.99
N ASP C 183 -32.79 7.17 -30.86
CA ASP C 183 -33.72 8.03 -30.11
C ASP C 183 -33.37 8.05 -28.64
N PHE C 184 -32.98 6.88 -28.08
CA PHE C 184 -32.58 6.77 -26.69
C PHE C 184 -31.34 7.65 -26.46
N ILE C 185 -30.36 7.60 -27.38
CA ILE C 185 -29.16 8.43 -27.26
C ILE C 185 -29.53 9.91 -27.22
N SER C 186 -30.42 10.30 -28.11
CA SER C 186 -30.89 11.67 -28.25
C SER C 186 -31.60 12.16 -26.99
N ARG C 187 -32.47 11.31 -26.43
CA ARG C 187 -33.24 11.59 -25.24
C ARG C 187 -32.33 11.69 -24.02
N PHE C 188 -31.34 10.80 -23.92
CA PHE C 188 -30.40 10.80 -22.81
C PHE C 188 -29.51 12.04 -22.89
N GLU C 189 -29.00 12.35 -24.09
CA GLU C 189 -28.15 13.53 -24.26
C GLU C 189 -28.89 14.87 -24.16
N GLY C 190 -30.21 14.85 -24.30
CA GLY C 190 -31.10 16.00 -24.20
C GLY C 190 -31.52 16.34 -22.79
N LEU C 191 -31.16 15.49 -21.79
CA LEU C 191 -31.44 15.78 -20.38
C LEU C 191 -30.69 17.05 -20.00
N GLU C 192 -31.30 17.95 -19.25
CA GLU C 192 -30.72 19.25 -18.95
C GLU C 192 -29.31 19.20 -18.32
N LYS C 193 -29.12 18.34 -17.32
CA LYS C 193 -27.82 18.23 -16.66
C LYS C 193 -26.80 17.54 -17.55
N ILE C 194 -27.25 16.51 -18.27
CA ILE C 194 -26.39 15.76 -19.19
C ILE C 194 -25.90 16.67 -20.30
N SER C 195 -26.79 17.49 -20.85
CA SER C 195 -26.48 18.42 -21.93
C SER C 195 -25.48 19.47 -21.45
N ALA C 196 -25.70 20.01 -20.24
CA ALA C 196 -24.82 21.00 -19.65
C ALA C 196 -23.41 20.44 -19.43
N TYR C 197 -23.30 19.21 -18.90
CA TYR C 197 -22.02 18.56 -18.65
C TYR C 197 -21.24 18.27 -19.94
N MET C 198 -21.95 17.92 -21.03
CA MET C 198 -21.28 17.65 -22.30
C MET C 198 -20.71 18.90 -22.98
N LYS C 199 -21.26 20.08 -22.64
CA LYS C 199 -20.78 21.36 -23.15
C LYS C 199 -19.61 21.91 -22.29
N SER C 200 -19.54 21.49 -21.01
CA SER C 200 -18.52 21.91 -20.06
C SER C 200 -17.12 21.34 -20.37
N SER C 201 -16.10 21.84 -19.66
CA SER C 201 -14.70 21.43 -19.78
C SER C 201 -14.43 20.09 -19.08
N ARG C 202 -15.28 19.73 -18.08
CA ARG C 202 -15.16 18.49 -17.32
C ARG C 202 -15.38 17.24 -18.17
N PHE C 203 -16.15 17.38 -19.27
CA PHE C 203 -16.48 16.28 -20.18
C PHE C 203 -15.25 15.60 -20.74
N LEU C 204 -15.15 14.27 -20.56
CA LEU C 204 -14.01 13.51 -21.02
C LEU C 204 -14.46 12.30 -21.82
N PRO C 205 -14.87 12.50 -23.08
CA PRO C 205 -15.34 11.37 -23.89
C PRO C 205 -14.24 10.49 -24.51
N ARG C 206 -13.01 10.98 -24.53
CA ARG C 206 -11.86 10.27 -25.09
C ARG C 206 -10.62 10.52 -24.20
N PRO C 207 -9.64 9.60 -24.16
CA PRO C 207 -9.59 8.28 -24.84
C PRO C 207 -10.61 7.30 -24.28
N VAL C 208 -11.05 6.38 -25.11
CA VAL C 208 -12.04 5.38 -24.71
C VAL C 208 -11.45 4.38 -23.70
N PHE C 209 -10.24 3.89 -23.99
CA PHE C 209 -9.53 2.94 -23.12
C PHE C 209 -8.17 3.53 -22.65
N SER C 210 -7.36 2.73 -21.93
CA SER C 210 -6.06 3.16 -21.46
C SER C 210 -5.00 3.10 -22.59
N LYS C 211 -3.78 3.62 -22.33
CA LYS C 211 -2.70 3.66 -23.31
C LYS C 211 -2.26 2.28 -23.83
N MET C 212 -2.53 1.20 -23.05
CA MET C 212 -2.19 -0.18 -23.43
C MET C 212 -3.10 -0.80 -24.49
N ALA C 213 -4.19 -0.13 -24.84
CA ALA C 213 -5.13 -0.65 -25.82
C ALA C 213 -4.66 -0.39 -27.24
N VAL C 214 -4.94 -1.34 -28.14
CA VAL C 214 -4.64 -1.22 -29.56
C VAL C 214 -5.61 -0.22 -30.20
N TRP C 215 -6.89 -0.26 -29.79
CA TRP C 215 -7.89 0.69 -30.26
C TRP C 215 -8.40 1.53 -29.09
N GLY C 216 -8.61 2.81 -29.31
CA GLY C 216 -9.14 3.71 -28.30
C GLY C 216 -8.14 4.20 -27.26
N ASN C 217 -6.84 4.04 -27.52
CA ASN C 217 -5.82 4.51 -26.59
C ASN C 217 -5.62 6.03 -26.62
N LYS C 218 -6.03 6.69 -27.72
CA LYS C 218 -5.95 8.14 -27.92
C LYS C 218 -7.36 8.73 -28.19
N PRO D 2 -42.72 -24.53 -9.54
CA PRO D 2 -41.25 -24.70 -9.52
C PRO D 2 -40.49 -23.79 -10.49
N MET D 3 -39.41 -23.17 -10.01
CA MET D 3 -38.57 -22.35 -10.87
C MET D 3 -37.72 -23.27 -11.72
N ILE D 4 -37.32 -22.82 -12.90
CA ILE D 4 -36.45 -23.61 -13.76
C ILE D 4 -35.10 -22.98 -13.83
N LEU D 5 -34.07 -23.71 -13.43
CA LEU D 5 -32.70 -23.23 -13.54
C LEU D 5 -32.08 -23.94 -14.73
N GLY D 6 -31.78 -23.19 -15.77
CA GLY D 6 -31.16 -23.75 -16.96
C GLY D 6 -29.71 -23.37 -17.03
N TYR D 7 -28.86 -24.36 -17.24
CA TYR D 7 -27.41 -24.20 -17.37
C TYR D 7 -26.80 -25.51 -17.91
N TRP D 8 -25.51 -25.48 -18.30
CA TRP D 8 -24.77 -26.66 -18.71
C TRP D 8 -24.71 -27.71 -17.55
N ASP D 9 -24.37 -28.96 -17.88
CA ASP D 9 -24.26 -30.04 -16.89
C ASP D 9 -22.93 -29.94 -16.07
N ILE D 10 -22.39 -28.72 -15.91
CA ILE D 10 -21.15 -28.43 -15.19
C ILE D 10 -21.46 -27.57 -13.93
N ARG D 11 -20.46 -27.31 -13.10
CA ARG D 11 -20.57 -26.46 -11.94
C ARG D 11 -20.67 -24.99 -12.44
N GLY D 12 -19.58 -24.47 -13.02
CA GLY D 12 -19.50 -23.13 -13.60
C GLY D 12 -20.16 -22.00 -12.83
N LEU D 13 -20.90 -21.14 -13.55
CA LEU D 13 -21.57 -19.99 -12.96
C LEU D 13 -22.85 -20.31 -12.20
N ALA D 14 -23.33 -21.56 -12.25
CA ALA D 14 -24.56 -21.91 -11.56
C ALA D 14 -24.36 -22.43 -10.16
N HIS D 15 -23.11 -22.67 -9.73
CA HIS D 15 -22.85 -23.23 -8.41
C HIS D 15 -23.48 -22.45 -7.25
N ALA D 16 -23.29 -21.12 -7.24
CA ALA D 16 -23.84 -20.30 -6.17
C ALA D 16 -25.36 -20.21 -6.25
N ILE D 17 -25.93 -20.24 -7.47
CA ILE D 17 -27.38 -20.20 -7.67
C ILE D 17 -27.99 -21.47 -7.10
N ARG D 18 -27.39 -22.61 -7.40
CA ARG D 18 -27.84 -23.91 -6.88
C ARG D 18 -27.81 -23.93 -5.35
N LEU D 19 -26.71 -23.46 -4.75
CA LEU D 19 -26.53 -23.41 -3.31
C LEU D 19 -27.55 -22.44 -2.68
N LEU D 20 -27.78 -21.28 -3.30
CA LEU D 20 -28.72 -20.31 -2.77
C LEU D 20 -30.15 -20.84 -2.84
N LEU D 21 -30.48 -21.60 -3.89
CA LEU D 21 -31.80 -22.20 -4.03
C LEU D 21 -31.99 -23.24 -2.95
N GLU D 22 -30.98 -24.07 -2.69
CA GLU D 22 -31.04 -25.10 -1.66
C GLU D 22 -31.20 -24.49 -0.28
N TYR D 23 -30.39 -23.48 0.05
CA TYR D 23 -30.44 -22.82 1.34
C TYR D 23 -31.80 -22.13 1.61
N THR D 24 -32.39 -21.55 0.57
CA THR D 24 -33.67 -20.86 0.70
C THR D 24 -34.89 -21.83 0.63
N ASP D 25 -34.64 -23.14 0.44
CA ASP D 25 -35.68 -24.16 0.29
C ASP D 25 -36.61 -23.83 -0.89
N SER D 26 -36.02 -23.33 -1.97
CA SER D 26 -36.76 -22.92 -3.14
C SER D 26 -37.13 -24.14 -3.94
N SER D 27 -38.40 -24.19 -4.40
CA SER D 27 -38.84 -25.30 -5.22
C SER D 27 -38.34 -25.08 -6.64
N TYR D 28 -37.45 -25.94 -7.11
CA TYR D 28 -36.88 -25.75 -8.44
C TYR D 28 -36.60 -27.04 -9.16
N GLU D 29 -36.50 -26.95 -10.47
CA GLU D 29 -36.12 -28.01 -11.37
C GLU D 29 -34.93 -27.51 -12.17
N GLU D 30 -34.04 -28.40 -12.57
CA GLU D 30 -32.91 -28.02 -13.38
C GLU D 30 -33.04 -28.55 -14.78
N LYS D 31 -32.76 -27.71 -15.75
CA LYS D 31 -32.72 -28.10 -17.15
C LYS D 31 -31.26 -28.08 -17.49
N LYS D 32 -30.65 -29.26 -17.66
CA LYS D 32 -29.22 -29.33 -17.94
C LYS D 32 -28.97 -29.53 -19.41
N TYR D 33 -28.02 -28.79 -19.95
CA TYR D 33 -27.65 -28.89 -21.36
C TYR D 33 -26.29 -29.54 -21.42
N THR D 34 -26.15 -30.58 -22.23
CA THR D 34 -24.87 -31.26 -22.36
C THR D 34 -24.14 -30.70 -23.54
N MET D 35 -22.87 -30.37 -23.34
CA MET D 35 -22.03 -29.87 -24.41
C MET D 35 -21.34 -31.08 -25.04
N GLY D 36 -21.12 -31.04 -26.34
CA GLY D 36 -20.44 -32.12 -27.04
C GLY D 36 -18.96 -32.13 -26.78
N ASP D 37 -18.32 -33.27 -27.07
CA ASP D 37 -16.88 -33.40 -26.87
C ASP D 37 -16.08 -32.73 -28.00
N ALA D 38 -14.76 -32.69 -27.85
CA ALA D 38 -13.84 -32.10 -28.82
C ALA D 38 -13.86 -32.85 -30.17
N PRO D 39 -13.55 -32.17 -31.29
CA PRO D 39 -13.17 -30.74 -31.41
C PRO D 39 -14.32 -29.77 -31.66
N ASP D 40 -15.52 -30.30 -31.96
CA ASP D 40 -16.69 -29.52 -32.30
C ASP D 40 -17.26 -28.79 -31.11
N TYR D 41 -17.40 -29.48 -29.95
CA TYR D 41 -18.02 -28.96 -28.73
C TYR D 41 -19.44 -28.52 -29.06
N ASP D 42 -20.26 -29.49 -29.46
CA ASP D 42 -21.62 -29.27 -29.89
C ASP D 42 -22.54 -28.64 -28.84
N ARG D 43 -22.93 -27.38 -29.08
CA ARG D 43 -23.85 -26.65 -28.21
C ARG D 43 -25.28 -26.62 -28.79
N SER D 44 -25.61 -27.54 -29.72
CA SER D 44 -26.89 -27.63 -30.39
C SER D 44 -28.04 -27.85 -29.42
N GLN D 45 -27.80 -28.55 -28.32
CA GLN D 45 -28.86 -28.78 -27.32
C GLN D 45 -29.38 -27.45 -26.75
N TRP D 46 -28.46 -26.48 -26.56
CA TRP D 46 -28.79 -25.13 -26.08
C TRP D 46 -29.24 -24.24 -27.25
N LEU D 47 -28.46 -24.21 -28.35
CA LEU D 47 -28.72 -23.38 -29.53
C LEU D 47 -30.07 -23.63 -30.22
N ASN D 48 -30.65 -24.82 -30.04
CA ASN D 48 -31.95 -25.10 -30.63
C ASN D 48 -33.06 -24.43 -29.85
N GLU D 49 -33.01 -24.48 -28.49
CA GLU D 49 -34.05 -23.81 -27.71
C GLU D 49 -33.61 -22.46 -27.09
N LYS D 50 -32.46 -21.92 -27.53
CA LYS D 50 -31.92 -20.64 -27.07
C LYS D 50 -32.94 -19.52 -27.25
N PHE D 51 -33.61 -19.51 -28.42
CA PHE D 51 -34.57 -18.46 -28.76
C PHE D 51 -36.02 -18.85 -28.60
N LYS D 52 -36.30 -19.99 -27.96
CA LYS D 52 -37.66 -20.46 -27.71
C LYS D 52 -38.10 -20.35 -26.24
N LEU D 53 -37.34 -19.65 -25.41
CA LEU D 53 -37.64 -19.55 -23.99
C LEU D 53 -38.22 -18.23 -23.54
N GLY D 54 -38.17 -17.20 -24.38
CA GLY D 54 -38.70 -15.89 -24.03
C GLY D 54 -37.72 -15.03 -23.26
N LEU D 55 -36.41 -15.40 -23.29
CA LEU D 55 -35.40 -14.63 -22.58
C LEU D 55 -35.05 -13.41 -23.39
N ASP D 56 -34.93 -12.26 -22.74
CA ASP D 56 -34.63 -10.99 -23.40
C ASP D 56 -33.22 -10.97 -23.94
N PHE D 57 -32.27 -11.51 -23.18
CA PHE D 57 -30.87 -11.61 -23.57
C PHE D 57 -30.54 -13.07 -23.33
N PRO D 58 -30.82 -13.94 -24.32
CA PRO D 58 -30.62 -15.38 -24.08
C PRO D 58 -29.23 -15.77 -23.63
N ASN D 59 -29.17 -16.54 -22.53
CA ASN D 59 -27.90 -16.95 -21.94
C ASN D 59 -28.07 -18.09 -20.94
N LEU D 60 -26.93 -18.68 -20.53
CA LEU D 60 -26.81 -19.73 -19.52
C LEU D 60 -25.87 -19.16 -18.43
N PRO D 61 -26.29 -19.09 -17.16
CA PRO D 61 -27.56 -19.58 -16.61
C PRO D 61 -28.79 -18.71 -16.84
N TYR D 62 -29.94 -19.31 -16.69
CA TYR D 62 -31.20 -18.63 -16.77
C TYR D 62 -32.12 -19.18 -15.69
N LEU D 63 -33.04 -18.35 -15.25
CA LEU D 63 -34.00 -18.76 -14.24
C LEU D 63 -35.34 -18.37 -14.74
N ILE D 64 -36.27 -19.32 -14.81
CA ILE D 64 -37.65 -19.01 -15.17
C ILE D 64 -38.48 -19.18 -13.91
N ASP D 65 -39.08 -18.12 -13.40
CA ASP D 65 -39.96 -18.21 -12.24
C ASP D 65 -41.29 -17.54 -12.58
N GLY D 66 -42.17 -18.32 -13.20
CA GLY D 66 -43.48 -17.88 -13.65
C GLY D 66 -43.38 -16.88 -14.78
N ALA D 67 -43.81 -15.65 -14.52
CA ALA D 67 -43.72 -14.58 -15.52
C ALA D 67 -42.30 -14.04 -15.68
N HIS D 68 -41.45 -14.21 -14.65
CA HIS D 68 -40.10 -13.67 -14.66
C HIS D 68 -39.11 -14.59 -15.29
N LYS D 69 -38.43 -14.12 -16.34
CA LYS D 69 -37.39 -14.89 -17.01
C LYS D 69 -36.11 -14.07 -16.88
N ILE D 70 -35.19 -14.52 -16.01
CA ILE D 70 -33.95 -13.80 -15.71
C ILE D 70 -32.70 -14.48 -16.27
N THR D 71 -31.78 -13.71 -16.86
CA THR D 71 -30.47 -14.20 -17.28
C THR D 71 -29.41 -13.36 -16.53
N GLN D 72 -28.12 -13.76 -16.59
CA GLN D 72 -27.02 -13.11 -15.86
C GLN D 72 -27.05 -13.64 -14.45
N SER D 73 -26.06 -14.46 -14.10
CA SER D 73 -26.00 -15.14 -12.81
C SER D 73 -26.14 -14.23 -11.60
N ASN D 74 -25.58 -13.01 -11.64
CA ASN D 74 -25.74 -12.09 -10.52
C ASN D 74 -27.17 -11.58 -10.41
N ALA D 75 -27.84 -11.38 -11.55
CA ALA D 75 -29.22 -10.94 -11.56
C ALA D 75 -30.11 -12.07 -11.02
N ILE D 76 -29.83 -13.32 -11.41
CA ILE D 76 -30.56 -14.49 -10.92
C ILE D 76 -30.41 -14.57 -9.38
N LEU D 77 -29.19 -14.41 -8.86
CA LEU D 77 -28.90 -14.43 -7.42
C LEU D 77 -29.64 -13.33 -6.68
N CYS D 78 -29.65 -12.12 -7.24
CA CYS D 78 -30.32 -10.99 -6.63
C CYS D 78 -31.81 -11.20 -6.57
N TYR D 79 -32.39 -11.81 -7.61
CA TYR D 79 -33.81 -12.10 -7.66
C TYR D 79 -34.20 -13.02 -6.52
N ILE D 80 -33.47 -14.14 -6.37
CA ILE D 80 -33.76 -15.11 -5.31
C ILE D 80 -33.51 -14.50 -3.94
N ALA D 81 -32.41 -13.78 -3.77
CA ALA D 81 -32.09 -13.15 -2.49
C ALA D 81 -33.15 -12.11 -2.10
N ARG D 82 -33.77 -11.40 -3.06
CA ARG D 82 -34.81 -10.42 -2.74
C ARG D 82 -36.03 -11.10 -2.12
N LYS D 83 -36.37 -12.33 -2.59
CA LYS D 83 -37.50 -13.07 -2.04
C LYS D 83 -37.29 -13.47 -0.60
N HIS D 84 -36.05 -13.77 -0.20
CA HIS D 84 -35.78 -14.24 1.15
C HIS D 84 -34.94 -13.29 2.00
N ASN D 85 -35.01 -11.99 1.69
CA ASN D 85 -34.31 -10.94 2.44
CA ASN D 85 -34.30 -10.91 2.37
C ASN D 85 -32.80 -11.21 2.67
N LEU D 86 -32.08 -11.63 1.63
CA LEU D 86 -30.65 -11.93 1.70
C LEU D 86 -29.84 -10.91 0.92
N CYS D 87 -30.26 -9.63 0.93
CA CYS D 87 -29.61 -8.58 0.17
C CYS D 87 -28.89 -7.53 1.01
N GLY D 88 -29.01 -7.60 2.33
CA GLY D 88 -28.37 -6.61 3.20
C GLY D 88 -29.35 -5.52 3.53
N GLU D 89 -29.42 -5.13 4.81
CA GLU D 89 -30.39 -4.12 5.24
C GLU D 89 -29.79 -2.72 5.39
N THR D 90 -28.70 -2.59 6.16
CA THR D 90 -28.10 -1.27 6.34
C THR D 90 -27.39 -0.80 5.07
N GLU D 91 -27.08 0.50 4.96
CA GLU D 91 -26.34 1.01 3.80
C GLU D 91 -24.94 0.38 3.75
N GLU D 92 -24.31 0.16 4.92
CA GLU D 92 -23.01 -0.47 5.01
C GLU D 92 -23.08 -1.90 4.44
N GLU D 93 -24.13 -2.65 4.80
CA GLU D 93 -24.31 -4.01 4.33
C GLU D 93 -24.49 -4.07 2.81
N LYS D 94 -25.31 -3.16 2.26
CA LYS D 94 -25.54 -3.08 0.83
C LYS D 94 -24.27 -2.71 0.07
N ILE D 95 -23.42 -1.81 0.62
CA ILE D 95 -22.15 -1.45 -0.05
C ILE D 95 -21.25 -2.69 -0.09
N ARG D 96 -21.18 -3.44 1.02
CA ARG D 96 -20.35 -4.65 1.04
C ARG D 96 -20.83 -5.67 0.04
N VAL D 97 -22.16 -5.87 -0.04
CA VAL D 97 -22.80 -6.81 -0.98
C VAL D 97 -22.47 -6.40 -2.43
N ASP D 98 -22.63 -5.11 -2.74
CA ASP D 98 -22.38 -4.63 -4.09
C ASP D 98 -20.94 -4.81 -4.48
N ILE D 99 -20.00 -4.44 -3.60
CA ILE D 99 -18.58 -4.61 -3.89
C ILE D 99 -18.24 -6.07 -4.14
N LEU D 100 -18.72 -6.96 -3.28
CA LEU D 100 -18.44 -8.38 -3.35
C LEU D 100 -19.04 -9.07 -4.52
N GLU D 101 -20.26 -8.70 -4.90
CA GLU D 101 -20.93 -9.29 -6.05
C GLU D 101 -20.10 -9.13 -7.34
N ASN D 102 -19.49 -7.95 -7.48
CA ASN D 102 -18.66 -7.58 -8.61
C ASN D 102 -17.23 -8.09 -8.45
N GLN D 103 -16.69 -8.01 -7.24
CA GLN D 103 -15.34 -8.46 -6.94
C GLN D 103 -15.20 -9.95 -7.21
N THR D 104 -16.15 -10.75 -6.72
CA THR D 104 -16.13 -12.20 -6.94
C THR D 104 -16.25 -12.55 -8.42
N MET D 105 -17.02 -11.77 -9.18
CA MET D 105 -17.15 -11.95 -10.62
C MET D 105 -15.79 -11.72 -11.28
N ASP D 106 -15.03 -10.69 -10.86
CA ASP D 106 -13.69 -10.46 -11.39
C ASP D 106 -12.78 -11.60 -11.08
N ASN D 107 -12.81 -12.13 -9.84
CA ASN D 107 -11.94 -13.26 -9.50
C ASN D 107 -12.27 -14.51 -10.27
N HIS D 108 -13.55 -14.74 -10.50
CA HIS D 108 -13.99 -15.90 -11.28
C HIS D 108 -13.53 -15.78 -12.74
N MET D 109 -13.62 -14.57 -13.29
CA MET D 109 -13.23 -14.28 -14.67
C MET D 109 -11.73 -14.48 -14.86
N GLN D 110 -10.90 -14.04 -13.90
CA GLN D 110 -9.44 -14.18 -13.95
C GLN D 110 -9.05 -15.64 -13.94
N LEU D 111 -9.65 -16.44 -13.04
CA LEU D 111 -9.41 -17.87 -12.96
C LEU D 111 -9.85 -18.55 -14.26
N GLY D 112 -11.02 -18.17 -14.77
CA GLY D 112 -11.58 -18.70 -16.01
C GLY D 112 -10.74 -18.39 -17.21
N MET D 113 -10.17 -17.17 -17.30
CA MET D 113 -9.35 -16.78 -18.43
C MET D 113 -8.09 -17.57 -18.55
N ILE D 114 -7.38 -17.83 -17.43
CA ILE D 114 -6.15 -18.62 -17.51
C ILE D 114 -6.47 -20.10 -17.78
N CYS D 115 -7.60 -20.61 -17.28
CA CYS D 115 -8.00 -22.00 -17.51
C CYS D 115 -8.55 -22.26 -18.90
N TYR D 116 -9.06 -21.24 -19.59
CA TYR D 116 -9.56 -21.42 -20.97
C TYR D 116 -8.49 -21.09 -22.04
N ASN D 117 -7.35 -20.50 -21.61
CA ASN D 117 -6.23 -20.14 -22.46
C ASN D 117 -5.40 -21.40 -22.73
N PRO D 118 -4.94 -21.60 -23.97
CA PRO D 118 -4.13 -22.80 -24.28
C PRO D 118 -2.74 -22.79 -23.61
N GLU D 119 -2.22 -21.60 -23.28
CA GLU D 119 -0.95 -21.45 -22.59
C GLU D 119 -1.20 -21.42 -21.07
N PHE D 120 -2.10 -22.28 -20.59
CA PHE D 120 -2.47 -22.40 -19.19
C PHE D 120 -1.25 -22.73 -18.32
N GLU D 121 -0.36 -23.58 -18.83
CA GLU D 121 0.84 -23.97 -18.10
C GLU D 121 1.83 -22.83 -17.92
N LYS D 122 1.90 -21.88 -18.87
CA LYS D 122 2.79 -20.73 -18.76
C LYS D 122 2.23 -19.65 -17.83
N LEU D 123 0.89 -19.50 -17.82
CA LEU D 123 0.18 -18.48 -17.04
C LEU D 123 -0.01 -18.88 -15.58
N LYS D 124 -0.21 -20.18 -15.33
CA LYS D 124 -0.47 -20.74 -14.00
C LYS D 124 0.50 -20.29 -12.90
N PRO D 125 1.85 -20.31 -13.09
CA PRO D 125 2.73 -19.88 -11.99
C PRO D 125 2.58 -18.40 -11.67
N LYS D 126 2.36 -17.57 -12.70
CA LYS D 126 2.17 -16.14 -12.48
C LYS D 126 0.88 -15.89 -11.70
N TYR D 127 -0.19 -16.62 -12.04
CA TYR D 127 -1.47 -16.52 -11.34
C TYR D 127 -1.32 -16.95 -9.87
N LEU D 128 -0.52 -18.01 -9.64
CA LEU D 128 -0.27 -18.54 -8.32
C LEU D 128 0.52 -17.57 -7.43
N GLU D 129 1.35 -16.70 -8.02
CA GLU D 129 2.10 -15.70 -7.24
C GLU D 129 1.17 -14.59 -6.74
N GLU D 130 0.15 -14.23 -7.54
CA GLU D 130 -0.80 -13.20 -7.17
C GLU D 130 -1.92 -13.71 -6.26
N LEU D 131 -2.21 -15.03 -6.33
CA LEU D 131 -3.27 -15.63 -5.53
C LEU D 131 -3.22 -15.30 -4.04
N PRO D 132 -2.06 -15.35 -3.35
CA PRO D 132 -2.04 -15.00 -1.92
C PRO D 132 -2.48 -13.55 -1.69
N GLU D 133 -2.09 -12.62 -2.56
CA GLU D 133 -2.48 -11.23 -2.41
C GLU D 133 -4.00 -11.08 -2.53
N LYS D 134 -4.63 -11.77 -3.49
CA LYS D 134 -6.08 -11.73 -3.69
C LYS D 134 -6.81 -12.27 -2.47
N LEU D 135 -6.39 -13.45 -2.00
CA LEU D 135 -6.99 -14.08 -0.84
C LEU D 135 -6.85 -13.26 0.43
N LYS D 136 -5.72 -12.54 0.57
CA LYS D 136 -5.48 -11.68 1.71
C LYS D 136 -6.52 -10.59 1.80
N LEU D 137 -6.96 -10.03 0.65
CA LEU D 137 -8.00 -9.00 0.65
C LEU D 137 -9.32 -9.54 1.17
N TYR D 138 -9.66 -10.78 0.81
CA TYR D 138 -10.89 -11.40 1.30
C TYR D 138 -10.79 -11.65 2.81
N SER D 139 -9.62 -12.15 3.26
CA SER D 139 -9.36 -12.43 4.67
C SER D 139 -9.48 -11.13 5.50
N GLU D 140 -8.92 -10.04 4.98
CA GLU D 140 -8.95 -8.78 5.67
C GLU D 140 -10.33 -8.14 5.67
N PHE D 141 -11.08 -8.28 4.58
CA PHE D 141 -12.43 -7.73 4.47
C PHE D 141 -13.38 -8.45 5.42
N LEU D 142 -13.24 -9.78 5.52
CA LEU D 142 -14.08 -10.57 6.41
C LEU D 142 -13.79 -10.21 7.85
N GLY D 143 -12.51 -10.25 8.26
CA GLY D 143 -12.11 -9.93 9.62
C GLY D 143 -12.71 -10.90 10.61
N LYS D 144 -13.25 -10.37 11.72
CA LYS D 144 -13.90 -11.18 12.76
C LYS D 144 -15.40 -11.40 12.50
N ARG D 145 -15.95 -10.95 11.37
CA ARG D 145 -17.36 -11.11 11.06
C ARG D 145 -17.68 -12.57 10.76
N PRO D 146 -18.90 -13.02 11.13
CA PRO D 146 -19.29 -14.40 10.78
C PRO D 146 -19.51 -14.55 9.27
N TRP D 147 -20.10 -13.51 8.65
CA TRP D 147 -20.42 -13.45 7.22
C TRP D 147 -19.80 -12.23 6.56
N PHE D 148 -19.70 -12.22 5.23
CA PHE D 148 -19.03 -11.14 4.52
C PHE D 148 -19.70 -9.78 4.55
N ALA D 149 -21.04 -9.70 4.69
CA ALA D 149 -21.71 -8.39 4.75
C ALA D 149 -21.89 -7.84 6.16
N GLY D 150 -21.79 -8.72 7.16
CA GLY D 150 -21.95 -8.35 8.55
C GLY D 150 -22.25 -9.57 9.37
N ASN D 151 -23.27 -9.50 10.23
CA ASN D 151 -23.64 -10.65 11.06
C ASN D 151 -24.66 -11.56 10.40
N LYS D 152 -25.39 -11.07 9.41
CA LYS D 152 -26.39 -11.85 8.72
C LYS D 152 -25.80 -12.40 7.42
N ILE D 153 -26.23 -13.61 7.03
CA ILE D 153 -25.79 -14.19 5.77
C ILE D 153 -26.56 -13.53 4.62
N THR D 154 -25.85 -13.21 3.55
CA THR D 154 -26.39 -12.64 2.33
C THR D 154 -25.98 -13.54 1.14
N PHE D 155 -26.51 -13.27 -0.06
CA PHE D 155 -26.18 -14.07 -1.23
C PHE D 155 -24.71 -13.98 -1.59
N VAL D 156 -24.01 -12.88 -1.18
CA VAL D 156 -22.60 -12.75 -1.52
C VAL D 156 -21.74 -13.75 -0.77
N ASP D 157 -22.22 -14.33 0.33
CA ASP D 157 -21.50 -15.39 1.02
C ASP D 157 -21.41 -16.64 0.12
N PHE D 158 -22.44 -16.89 -0.69
CA PHE D 158 -22.48 -17.99 -1.65
C PHE D 158 -21.48 -17.77 -2.79
N LEU D 159 -21.32 -16.51 -3.21
CA LEU D 159 -20.38 -16.11 -4.25
C LEU D 159 -18.96 -16.23 -3.74
N VAL D 160 -18.69 -15.67 -2.54
CA VAL D 160 -17.35 -15.76 -1.94
C VAL D 160 -16.95 -17.19 -1.70
N TYR D 161 -17.87 -18.02 -1.19
CA TYR D 161 -17.61 -19.44 -0.98
C TYR D 161 -17.21 -20.11 -2.29
N ASP D 162 -17.90 -19.79 -3.39
CA ASP D 162 -17.61 -20.40 -4.67
C ASP D 162 -16.20 -20.07 -5.12
N VAL D 163 -15.80 -18.80 -4.96
CA VAL D 163 -14.48 -18.36 -5.37
C VAL D 163 -13.40 -19.02 -4.51
N LEU D 164 -13.63 -19.08 -3.20
CA LEU D 164 -12.68 -19.72 -2.30
C LEU D 164 -12.54 -21.23 -2.57
N ASP D 165 -13.65 -21.94 -2.73
CA ASP D 165 -13.65 -23.36 -3.02
C ASP D 165 -12.96 -23.68 -4.36
N LEU D 166 -13.16 -22.82 -5.36
CA LEU D 166 -12.51 -23.03 -6.66
C LEU D 166 -11.00 -22.93 -6.53
N HIS D 167 -10.53 -21.96 -5.72
CA HIS D 167 -9.11 -21.74 -5.53
C HIS D 167 -8.47 -22.84 -4.71
N ARG D 168 -9.23 -23.48 -3.81
CA ARG D 168 -8.71 -24.63 -3.08
C ARG D 168 -8.71 -25.90 -3.93
N ILE D 169 -9.52 -25.97 -4.99
CA ILE D 169 -9.47 -27.09 -5.93
C ILE D 169 -8.25 -26.93 -6.88
N PHE D 170 -7.86 -25.70 -7.18
CA PHE D 170 -6.74 -25.33 -8.05
C PHE D 170 -5.39 -25.44 -7.32
N GLU D 171 -5.30 -24.87 -6.11
CA GLU D 171 -4.11 -24.89 -5.25
C GLU D 171 -4.59 -25.16 -3.81
N PRO D 172 -4.61 -26.43 -3.39
CA PRO D 172 -5.20 -26.77 -2.09
C PRO D 172 -4.63 -26.10 -0.85
N LYS D 173 -3.35 -25.73 -0.88
CA LYS D 173 -2.70 -25.10 0.27
C LYS D 173 -2.94 -23.59 0.38
N CYS D 174 -3.64 -22.97 -0.59
CA CYS D 174 -3.81 -21.53 -0.68
C CYS D 174 -4.58 -20.90 0.48
N LEU D 175 -5.47 -21.67 1.12
CA LEU D 175 -6.26 -21.13 2.21
C LEU D 175 -5.65 -21.34 3.59
N ASP D 176 -4.60 -22.16 3.69
CA ASP D 176 -3.91 -22.48 4.93
C ASP D 176 -3.34 -21.25 5.65
N ALA D 177 -2.92 -20.22 4.91
CA ALA D 177 -2.41 -18.99 5.51
C ALA D 177 -3.49 -18.06 6.09
N PHE D 178 -4.79 -18.32 5.74
CA PHE D 178 -5.94 -17.49 6.13
C PHE D 178 -6.92 -18.28 6.97
N PRO D 179 -6.70 -18.27 8.29
CA PRO D 179 -7.55 -19.07 9.19
C PRO D 179 -9.00 -18.69 9.17
N ASN D 180 -9.31 -17.39 9.04
CA ASN D 180 -10.71 -16.96 9.01
C ASN D 180 -11.42 -17.37 7.71
N LEU D 181 -10.67 -17.48 6.60
CA LEU D 181 -11.24 -17.95 5.35
C LEU D 181 -11.57 -19.44 5.46
N LYS D 182 -10.71 -20.23 6.12
CA LYS D 182 -10.95 -21.65 6.36
C LYS D 182 -12.17 -21.84 7.25
N ASP D 183 -12.29 -20.99 8.29
CA ASP D 183 -13.40 -21.00 9.24
C ASP D 183 -14.69 -20.66 8.54
N PHE D 184 -14.66 -19.67 7.63
CA PHE D 184 -15.83 -19.26 6.86
C PHE D 184 -16.32 -20.45 6.03
N ILE D 185 -15.42 -21.18 5.36
CA ILE D 185 -15.78 -22.35 4.58
C ILE D 185 -16.46 -23.42 5.43
N SER D 186 -15.93 -23.63 6.62
CA SER D 186 -16.46 -24.60 7.58
C SER D 186 -17.88 -24.21 8.02
N ARG D 187 -18.07 -22.93 8.35
CA ARG D 187 -19.34 -22.39 8.82
C ARG D 187 -20.39 -22.44 7.72
N PHE D 188 -19.99 -22.10 6.48
CA PHE D 188 -20.89 -22.12 5.32
C PHE D 188 -21.29 -23.56 5.02
N GLU D 189 -20.31 -24.47 4.99
CA GLU D 189 -20.62 -25.88 4.69
C GLU D 189 -21.41 -26.61 5.81
N GLY D 190 -21.38 -26.05 7.02
CA GLY D 190 -22.06 -26.58 8.20
C GLY D 190 -23.51 -26.18 8.30
N LEU D 191 -23.99 -25.25 7.43
CA LEU D 191 -25.40 -24.85 7.40
C LEU D 191 -26.24 -26.09 7.06
N GLU D 192 -27.37 -26.29 7.74
CA GLU D 192 -28.13 -27.53 7.60
C GLU D 192 -28.53 -27.88 6.16
N LYS D 193 -29.05 -26.90 5.41
CA LYS D 193 -29.48 -27.16 4.04
C LYS D 193 -28.28 -27.36 3.12
N ILE D 194 -27.21 -26.56 3.33
CA ILE D 194 -25.98 -26.65 2.54
C ILE D 194 -25.36 -28.03 2.73
N SER D 195 -25.30 -28.50 3.99
CA SER D 195 -24.72 -29.79 4.33
C SER D 195 -25.51 -30.92 3.70
N ALA D 196 -26.84 -30.83 3.78
CA ALA D 196 -27.73 -31.84 3.20
C ALA D 196 -27.57 -31.93 1.69
N TYR D 197 -27.51 -30.77 1.00
CA TYR D 197 -27.36 -30.70 -0.43
C TYR D 197 -26.02 -31.29 -0.90
N MET D 198 -24.95 -31.07 -0.15
CA MET D 198 -23.64 -31.61 -0.52
C MET D 198 -23.53 -33.14 -0.38
N LYS D 199 -24.37 -33.73 0.46
CA LYS D 199 -24.43 -35.17 0.64
C LYS D 199 -25.36 -35.85 -0.40
N SER D 200 -26.34 -35.08 -0.93
CA SER D 200 -27.31 -35.52 -1.91
C SER D 200 -26.71 -35.81 -3.30
N SER D 201 -27.50 -36.41 -4.18
CA SER D 201 -27.12 -36.74 -5.56
C SER D 201 -27.17 -35.51 -6.48
N ARG D 202 -27.95 -34.47 -6.11
CA ARG D 202 -28.09 -33.22 -6.87
C ARG D 202 -26.80 -32.41 -6.93
N PHE D 203 -25.91 -32.59 -5.93
CA PHE D 203 -24.65 -31.87 -5.82
C PHE D 203 -23.77 -32.08 -7.02
N LEU D 204 -23.33 -30.98 -7.63
CA LEU D 204 -22.50 -31.04 -8.82
C LEU D 204 -21.29 -30.13 -8.67
N PRO D 205 -20.27 -30.58 -7.92
CA PRO D 205 -19.09 -29.73 -7.72
C PRO D 205 -18.09 -29.73 -8.87
N ARG D 206 -18.18 -30.72 -9.77
CA ARG D 206 -17.30 -30.87 -10.93
C ARG D 206 -18.11 -31.33 -12.14
N PRO D 207 -17.70 -31.00 -13.38
CA PRO D 207 -16.51 -30.21 -13.75
C PRO D 207 -16.65 -28.75 -13.36
N VAL D 208 -15.52 -28.12 -13.09
CA VAL D 208 -15.50 -26.72 -12.68
C VAL D 208 -15.90 -25.80 -13.85
N PHE D 209 -15.35 -26.05 -15.04
CA PHE D 209 -15.64 -25.28 -16.24
C PHE D 209 -16.25 -26.20 -17.35
N SER D 210 -16.47 -25.65 -18.56
CA SER D 210 -17.01 -26.42 -19.68
C SER D 210 -15.92 -27.28 -20.34
N LYS D 211 -16.31 -28.16 -21.30
CA LYS D 211 -15.40 -29.05 -22.01
C LYS D 211 -14.29 -28.32 -22.78
N MET D 212 -14.51 -27.05 -23.15
CA MET D 212 -13.53 -26.24 -23.90
C MET D 212 -12.37 -25.70 -23.04
N ALA D 213 -12.43 -25.86 -21.72
CA ALA D 213 -11.39 -25.37 -20.83
C ALA D 213 -10.20 -26.32 -20.77
N VAL D 214 -9.00 -25.76 -20.65
CA VAL D 214 -7.75 -26.51 -20.51
C VAL D 214 -7.68 -27.13 -19.10
N TRP D 215 -8.12 -26.37 -18.08
CA TRP D 215 -8.18 -26.88 -16.71
C TRP D 215 -9.63 -26.90 -16.24
N GLY D 216 -10.02 -27.95 -15.53
CA GLY D 216 -11.36 -28.05 -14.98
C GLY D 216 -12.44 -28.50 -15.95
N ASN D 217 -12.05 -29.05 -17.10
CA ASN D 217 -13.03 -29.53 -18.08
C ASN D 217 -13.67 -30.87 -17.69
N LYS D 218 -13.01 -31.64 -16.81
CA LYS D 218 -13.49 -32.93 -16.30
C LYS D 218 -13.60 -32.90 -14.77
CD1 A1AWW E . 17.32 -1.25 7.62
CA2 A1AWW E . 17.25 -3.63 6.98
N3 A1AWW E . 15.34 -3.40 5.46
CA3 A1AWW E . 14.52 -3.73 4.32
C20 A1AWW E . 19.74 -4.25 9.39
C21 A1AWW E . 20.32 -5.19 8.34
C22 A1AWW E . 20.98 -4.46 7.17
C24 A1AWW E . 22.83 -4.59 5.46
C26 A1AWW E . 24.40 -5.21 3.54
C28 A1AWW E . 26.15 -5.82 1.76
N1 A1AWW E . 17.79 3.22 9.72
CA1 A1AWW E . 16.80 2.13 9.47
C1 A1AWW E . 16.10 1.79 10.78
O11 A1AWW E . 16.68 2.11 11.84
CB1 A1AWW E . 17.51 0.90 8.91
OE1 A1AWW E . 18.42 -1.05 7.10
N2 A1AWW E . 16.73 -2.45 7.63
C2 A1AWW E . 16.42 -4.11 5.78
C3 A1AWW E . 15.09 -3.19 3.01
O32 A1AWW E . 15.99 -3.88 2.46
O31 A1AWW E . 14.66 -2.10 2.60
O2 A1AWW E . 16.76 -5.11 5.16
CB2 A1AWW E . 17.32 -4.83 7.93
SG2 A1AWW E . 17.95 -4.50 9.60
C23 A1AWW E . 22.30 -5.07 6.79
C25 A1AWW E . 24.06 -5.35 5.01
C27 A1AWW E . 25.52 -6.15 3.11
O29 A1AWW E . 27.39 -5.58 1.76
O30 A1AWW E . 25.41 -5.80 0.74
C31 A1AWW E . 20.53 -4.22 10.72
C32 A1AWW E . 22.05 -4.09 10.56
C33 A1AWW E . 22.69 -2.98 11.36
C34 A1AWW E . 24.16 -2.75 10.98
C35 A1AWW E . 24.36 -1.92 9.72
C36 A1AWW E . 24.55 -2.73 8.44
C37 A1AWW E . 25.98 -3.16 8.19
C38 A1AWW E . 26.78 -2.26 7.23
C39 A1AWW E . 26.61 -2.65 5.75
N40 A1AWW E . 20.24 -5.46 11.55
O41 A1AWW E . 20.33 -6.55 11.01
O42 A1AWW E . 19.98 -5.30 12.72
CG1 A1AWW E . 16.58 -0.14 8.31
O12 A1AWW E . 14.97 1.24 10.69
CD1 A1AWW F . 30.32 11.66 13.30
CA2 A1AWW F . 32.10 13.16 12.55
N3 A1AWW F . 33.69 13.15 14.41
CA3 A1AWW F . 34.89 13.54 15.12
C20 A1AWW F . 31.30 12.85 9.28
C21 A1AWW F . 32.58 12.13 8.87
C22 A1AWW F . 32.73 10.68 9.34
C24 A1AWW F . 34.07 8.53 9.01
C26 A1AWW F . 36.10 8.32 7.44
C28 A1AWW F . 37.22 6.16 6.53
N1 A1AWW F . 25.70 10.42 14.19
CA1 A1AWW F . 26.70 11.48 14.46
C1 A1AWW F . 26.10 12.85 14.17
O11 A1AWW F . 26.51 13.83 14.83
CB1 A1AWW F . 27.92 11.32 13.57
OE1 A1AWW F . 30.49 10.89 12.37
N2 A1AWW F . 31.13 12.70 13.52
C2 A1AWW F . 33.43 13.60 13.18
C3 A1AWW F . 35.15 12.68 16.36
O32 A1AWW F . 35.86 13.21 17.25
O31 A1AWW F . 34.66 11.53 16.41
O2 A1AWW F . 34.22 14.30 12.55
CB2 A1AWW F . 31.42 14.28 11.77
SG2 A1AWW F . 31.84 14.41 10.04
C23 A1AWW F . 34.04 10.05 8.90
C25 A1AWW F . 35.44 7.90 8.76
C27 A1AWW F . 37.39 7.56 7.11
O29 A1AWW F . 36.89 6.07 5.31
O30 A1AWW F . 37.45 5.19 7.28
C31 A1AWW F . 30.30 13.07 8.13
C32 A1AWW F . 30.12 11.90 7.16
C33 A1AWW F . 28.67 11.51 6.90
C34 A1AWW F . 28.58 10.19 6.17
C35 A1AWW F . 29.45 9.09 6.77
C36 A1AWW F . 29.55 7.85 5.93
C37 A1AWW F . 30.12 6.66 6.66
C38 A1AWW F . 31.55 6.83 7.10
C39 A1AWW F . 32.53 7.02 5.97
N40 A1AWW F . 30.68 14.29 7.30
O41 A1AWW F . 29.81 15.08 7.02
O42 A1AWW F . 31.82 14.38 6.90
CG1 A1AWW F . 29.23 11.47 14.30
O12 A1AWW F . 25.20 12.86 13.31
CD1 A1AWW G . -10.25 -2.47 -13.63
CA2 A1AWW G . -8.36 -0.97 -14.12
N3 A1AWW G . -7.43 -0.73 -11.87
CA3 A1AWW G . -6.40 -0.48 -10.90
C20 A1AWW G . -9.79 -0.93 -17.31
C21 A1AWW G . -8.37 -1.01 -17.83
C22 A1AWW G . -7.75 -2.40 -17.70
C24 A1AWW G . -7.49 -4.57 -18.99
C26 A1AWW G . -5.33 -5.18 -20.25
C28 A1AWW G . -4.44 -7.59 -20.58
N1 A1AWW G . -14.49 -5.01 -12.74
CA1 A1AWW G . -13.70 -3.83 -12.31
C1 A1AWW G . -14.61 -2.59 -12.28
O11 A1AWW G . -15.61 -2.60 -13.02
CB1 A1AWW G . -12.51 -3.62 -13.25
OE1 A1AWW G . -9.96 -3.28 -14.51
N2 A1AWW G . -9.60 -1.32 -13.45
C2 A1AWW G . -7.22 -0.60 -13.18
C3 A1AWW G . -5.64 -1.73 -10.51
O32 A1AWW G . -4.81 -1.63 -9.57
O31 A1AWW G . -5.86 -2.77 -11.16
O2 A1AWW G . -6.18 -0.14 -13.64
CB2 A1AWW G . -8.52 0.24 -15.04
SG2 A1AWW G . -10.06 0.31 -15.99
C23 A1AWW G . -7.42 -3.05 -19.02
C25 A1AWW G . -6.86 -5.25 -20.20
C27 A1AWW G . -4.70 -6.21 -21.18
O29 A1AWW G . -3.24 -7.96 -20.50
O30 A1AWW G . -5.43 -8.26 -20.20
C31 A1AWW G . -10.90 -0.80 -18.36
C32 A1AWW G . -11.13 -2.07 -19.17
C33 A1AWW G . -12.51 -2.08 -19.79
C34 A1AWW G . -12.71 -3.15 -20.84
C35 A1AWW G . -12.33 -4.55 -20.38
C36 A1AWW G . -10.97 -5.01 -20.87
C37 A1AWW G . -10.60 -6.39 -20.40
C38 A1AWW G . -9.64 -7.08 -21.34
C39 A1AWW G . -9.16 -8.40 -20.80
N40 A1AWW G . -10.60 0.32 -19.32
O41 A1AWW G . -11.37 1.26 -19.36
O42 A1AWW G . -9.67 0.20 -20.09
CG1 A1AWW G . -11.41 -2.72 -12.68
O12 A1AWW G . -14.29 -1.68 -11.50
N1 GSH H . -32.14 -5.20 -3.43
CA1 GSH H . -31.33 -5.10 -4.67
C1 GSH H . -32.16 -4.44 -5.78
O11 GSH H . -32.89 -3.48 -5.46
O12 GSH H . -32.02 -4.89 -6.95
CB1 GSH H . -30.73 -6.46 -5.06
CG1 GSH H . -29.40 -6.78 -4.39
CD1 GSH H . -28.33 -5.78 -4.73
OE1 GSH H . -27.70 -5.19 -3.85
N2 GSH H . -28.10 -5.60 -6.04
CA2 GSH H . -27.23 -4.54 -6.53
C2 GSH H . -28.01 -3.25 -6.75
O2 GSH H . -28.59 -3.04 -7.81
CB2 GSH H . -26.46 -4.97 -7.78
SG2 GSH H . -27.40 -5.98 -8.94
N3 GSH H . -28.01 -2.40 -5.72
CA3 GSH H . -28.83 -1.20 -5.70
C3 GSH H . -29.80 -1.19 -4.54
O31 GSH H . -30.91 -0.63 -4.69
O32 GSH H . -29.42 -1.77 -3.49
CD1 A1AWW I . -21.89 -17.01 -19.99
CA2 A1AWW I . -21.74 -19.32 -20.89
N3 A1AWW I . -23.76 -19.29 -22.28
CA3 A1AWW I . -24.61 -19.72 -23.37
C20 A1AWW I . -18.78 -19.63 -18.86
C21 A1AWW I . -18.30 -20.38 -20.11
C22 A1AWW I . -17.76 -19.44 -21.19
C24 A1AWW I . -15.62 -18.97 -22.52
C26 A1AWW I . -15.18 -20.10 -24.79
C28 A1AWW I . -13.18 -21.36 -25.87
N1 A1AWW I . -22.03 -12.76 -17.40
CA1 A1AWW I . -22.83 -13.97 -17.75
C1 A1AWW I . -23.45 -14.54 -16.47
O11 A1AWW I . -24.49 -15.26 -16.59
CB1 A1AWW I . -21.96 -14.99 -18.48
OE1 A1AWW I . -20.77 -16.69 -20.41
N2 A1AWW I . -22.40 -18.24 -20.14
C2 A1AWW I . -22.61 -19.92 -21.99
C3 A1AWW I . -24.46 -18.83 -24.59
O32 A1AWW I . -23.66 -17.86 -24.49
O31 A1AWW I . -25.11 -19.12 -25.63
O2 A1AWW I . -22.27 -20.95 -22.57
CB2 A1AWW I . -21.32 -20.46 -19.97
SG2 A1AWW I . -20.52 -19.97 -18.41
C23 A1AWW I . -16.60 -20.01 -22.00
C25 A1AWW I . -15.59 -18.83 -24.04
C27 A1AWW I . -13.67 -20.30 -24.89
O29 A1AWW I . -13.57 -21.27 -27.07
O30 A1AWW I . -12.42 -22.26 -25.45
C31 A1AWW I . -17.85 -19.71 -17.63
C32 A1AWW I . -16.36 -19.51 -17.92
C33 A1AWW I . -15.58 -18.87 -16.77
C34 A1AWW I . -15.71 -17.35 -16.69
C35 A1AWW I . -15.31 -16.64 -17.98
C36 A1AWW I . -13.92 -16.96 -18.51
C37 A1AWW I . -13.72 -16.63 -19.97
C38 A1AWW I . -12.40 -17.09 -20.57
C39 A1AWW I . -12.11 -16.46 -21.90
N40 A1AWW I . -18.02 -21.04 -16.91
O41 A1AWW I . -18.12 -22.07 -17.57
O42 A1AWW I . -18.00 -21.02 -15.69
CG1 A1AWW I . -22.76 -16.03 -19.26
O12 A1AWW I . -22.95 -14.19 -15.38
#